data_5FCA
#
_entry.id   5FCA
#
_cell.length_a   80.137
_cell.length_b   123.588
_cell.length_c   131.608
_cell.angle_alpha   90.00
_cell.angle_beta   90.00
_cell.angle_gamma   90.00
#
_symmetry.space_group_name_H-M   'P 21 21 21'
#
loop_
_entity.id
_entity.type
_entity.pdbx_description
1 polymer 'Acid sphingomyelinase-like phosphodiesterase 3a'
2 branched 2-acetamido-2-deoxy-beta-D-glucopyranose-(1-4)-[alpha-L-fucopyranose-(1-6)]2-acetamido-2-deoxy-beta-D-glucopyranose
3 branched 2-acetamido-2-deoxy-beta-D-glucopyranose-(1-4)-2-acetamido-2-deoxy-beta-D-glucopyranose
4 branched alpha-D-mannopyranose-(1-3)-[alpha-D-mannopyranose-(1-6)]beta-D-mannopyranose-(1-4)-2-acetamido-2-deoxy-beta-D-glucopyranose-(1-4)-2-acetamido-2-deoxy-beta-D-glucopyranose
5 non-polymer 'ZINC ION'
6 non-polymer GLYCEROL
7 water water
#
_entity_poly.entity_id   1
_entity_poly.type   'polypeptide(L)'
_entity_poly.pdbx_seq_one_letter_code
;DRHHHHHHKLVPLAPADRAPAVGQFWHVTDLHLDPTYHITDDRTKVCASSKGANASNPGPFGDVLCDSPYQLILSAFDFI
KNSGQEASFMIWTGDSPPHVPVPELSTGTVIKVITNMTMTVQNLFPNLQVFPALGNHDYWPQDQLPIVTSKVYSAVADLW
KPWLGEEAISTLKKGGFYSQKVASNPGLRIISLNTNLYYGPNIMTLNKTDPANQFEWLENTLNSSLWNKEKVYIIAHVPV
GYLPYATDTPAIRQYYNEKLLDIFRRYSSVIAGQFYGHTHRDSLMVLSDKNGNPLNSVFVAPAVTPVKGVLQKETNNPGV
RLFQYKPGDYTLLDMVQYYLNLTEANLKGESNWTLEYVLTQAYSVADLQPKSLYALVQQFATKDSKQFLKYYHYYFVSYD
SSATCDQHCKTLQVCAIMNLDSMSYDDCLKQHL
;
_entity_poly.pdbx_strand_id   A,B
#
# COMPACT_ATOMS: atom_id res chain seq x y z
N HIS A 8 5.84 -7.16 69.52
CA HIS A 8 6.02 -8.57 69.19
C HIS A 8 4.72 -9.21 68.66
N LYS A 9 4.05 -8.52 67.72
CA LYS A 9 2.83 -9.00 67.10
C LYS A 9 3.07 -9.55 65.68
N LEU A 10 4.32 -9.68 65.25
CA LEU A 10 4.66 -10.15 63.90
C LEU A 10 4.04 -9.25 62.82
N VAL A 11 4.27 -7.96 62.95
CA VAL A 11 3.75 -6.98 61.98
C VAL A 11 4.65 -6.97 60.75
N PRO A 12 4.10 -7.01 59.53
CA PRO A 12 4.97 -6.82 58.35
C PRO A 12 5.76 -5.53 58.46
N LEU A 13 7.04 -5.60 58.10
CA LEU A 13 7.93 -4.47 58.34
C LEU A 13 7.55 -3.29 57.46
N ALA A 14 7.34 -2.13 58.10
CA ALA A 14 6.93 -0.94 57.39
C ALA A 14 8.12 -0.35 56.61
N PRO A 15 7.90 0.13 55.39
CA PRO A 15 9.01 0.70 54.63
C PRO A 15 9.64 1.88 55.34
N ALA A 16 10.97 1.97 55.24
CA ALA A 16 11.67 3.13 55.75
C ALA A 16 11.38 4.34 54.86
N ASP A 17 10.96 5.45 55.49
CA ASP A 17 10.70 6.68 54.75
C ASP A 17 11.93 7.11 53.98
N ARG A 18 11.87 7.02 52.65
CA ARG A 18 13.01 7.35 51.81
C ARG A 18 12.49 7.90 50.48
N ALA A 19 13.41 8.32 49.63
CA ALA A 19 13.04 8.83 48.31
C ALA A 19 12.14 7.82 47.60
N PRO A 20 11.14 8.27 46.84
CA PRO A 20 10.15 7.32 46.26
C PRO A 20 10.82 6.41 45.23
N ALA A 21 10.77 5.11 45.49
CA ALA A 21 11.26 4.15 44.51
C ALA A 21 10.38 4.16 43.27
N VAL A 22 10.97 3.74 42.15
CA VAL A 22 10.17 3.55 40.94
C VAL A 22 10.44 2.15 40.41
N GLY A 23 9.44 1.58 39.78
CA GLY A 23 9.64 0.36 39.04
C GLY A 23 10.07 0.64 37.62
N GLN A 24 10.66 -0.36 36.97
CA GLN A 24 11.13 -0.22 35.60
C GLN A 24 10.90 -1.53 34.90
N PHE A 25 10.59 -1.45 33.62
CA PHE A 25 10.58 -2.63 32.77
C PHE A 25 11.16 -2.27 31.40
N TRP A 26 11.62 -3.28 30.68
CA TRP A 26 12.18 -3.10 29.36
C TRP A 26 11.13 -3.41 28.31
N HIS A 27 11.24 -2.74 27.18
CA HIS A 27 10.46 -3.08 26.00
C HIS A 27 11.44 -3.24 24.85
N VAL A 28 11.44 -4.41 24.23
CA VAL A 28 12.24 -4.66 23.05
C VAL A 28 11.30 -5.22 22.00
N THR A 29 11.62 -4.97 20.74
CA THR A 29 10.68 -5.35 19.69
C THR A 29 11.36 -5.42 18.34
N ASP A 30 10.84 -6.28 17.47
CA ASP A 30 11.22 -6.33 16.07
C ASP A 30 12.72 -6.56 15.90
N LEU A 31 13.14 -7.72 16.40
CA LEU A 31 14.55 -8.10 16.36
C LEU A 31 14.98 -8.52 14.97
N HIS A 32 14.11 -9.25 14.26
CA HIS A 32 14.31 -9.63 12.86
C HIS A 32 15.73 -10.14 12.61
N LEU A 33 16.06 -11.22 13.30
CA LEU A 33 17.34 -11.88 13.08
C LEU A 33 17.47 -12.35 11.64
N ASP A 34 18.57 -12.00 10.99
CA ASP A 34 18.89 -12.63 9.72
C ASP A 34 20.08 -13.56 9.91
N PRO A 35 19.86 -14.87 10.02
CA PRO A 35 21.00 -15.80 10.18
C PRO A 35 21.98 -15.79 9.03
N THR A 36 21.61 -15.30 7.83
CA THR A 36 22.50 -15.33 6.68
C THR A 36 23.50 -14.19 6.66
N TYR A 37 23.43 -13.24 7.60
CA TYR A 37 24.26 -12.05 7.48
C TYR A 37 25.73 -12.43 7.59
N HIS A 38 26.54 -11.91 6.66
CA HIS A 38 27.99 -12.03 6.74
C HIS A 38 28.60 -11.08 5.73
N ILE A 39 29.69 -10.43 6.12
CA ILE A 39 30.36 -9.50 5.24
C ILE A 39 31.02 -10.28 4.09
N THR A 40 30.93 -9.74 2.89
CA THR A 40 31.50 -10.39 1.72
C THR A 40 31.64 -9.32 0.63
N ASP A 41 32.47 -9.61 -0.37
CA ASP A 41 32.80 -8.58 -1.34
C ASP A 41 31.59 -8.27 -2.22
N ASP A 42 30.92 -9.30 -2.73
CA ASP A 42 29.65 -9.15 -3.44
C ASP A 42 28.59 -8.68 -2.44
N ARG A 43 28.34 -7.37 -2.40
CA ARG A 43 27.38 -6.81 -1.45
CA ARG A 43 27.38 -6.82 -1.45
C ARG A 43 25.96 -7.33 -1.66
N THR A 44 25.66 -7.98 -2.79
CA THR A 44 24.35 -8.61 -2.98
C THR A 44 24.23 -9.93 -2.24
N LYS A 45 25.26 -10.32 -1.48
CA LYS A 45 25.31 -11.62 -0.82
C LYS A 45 25.58 -11.47 0.67
N VAL A 46 25.64 -10.24 1.17
CA VAL A 46 25.76 -9.98 2.60
C VAL A 46 24.59 -10.58 3.37
N CYS A 47 23.36 -10.41 2.88
CA CYS A 47 22.20 -10.89 3.63
C CYS A 47 21.08 -11.25 2.66
N ALA A 48 20.48 -12.41 2.86
CA ALA A 48 19.26 -12.76 2.13
C ALA A 48 18.18 -11.68 2.22
N SER A 49 18.13 -10.94 3.34
CA SER A 49 17.03 -10.01 3.54
C SER A 49 17.12 -8.79 2.62
N SER A 50 18.27 -8.51 2.02
CA SER A 50 18.29 -7.45 1.03
C SER A 50 17.73 -7.90 -0.31
N LYS A 51 17.39 -9.18 -0.44
CA LYS A 51 16.69 -9.72 -1.60
C LYS A 51 17.40 -9.36 -2.89
N GLY A 52 18.72 -9.51 -2.89
CA GLY A 52 19.53 -9.28 -4.07
C GLY A 52 20.06 -7.86 -4.22
N ALA A 53 19.64 -6.94 -3.37
CA ALA A 53 20.19 -5.60 -3.43
C ALA A 53 21.59 -5.59 -2.82
N ASN A 54 22.40 -4.67 -3.31
CA ASN A 54 23.68 -4.38 -2.65
C ASN A 54 23.40 -3.76 -1.30
N ALA A 55 23.85 -4.42 -0.23
CA ALA A 55 24.05 -3.75 1.04
C ALA A 55 24.72 -2.40 0.82
N SER A 56 24.22 -1.39 1.53
CA SER A 56 24.64 -0.01 1.29
C SER A 56 26.02 0.29 1.88
N ASN A 57 26.32 -0.20 3.07
CA ASN A 57 27.58 0.11 3.74
C ASN A 57 27.73 -0.80 4.94
N PRO A 58 27.80 -2.11 4.74
CA PRO A 58 27.57 -3.03 5.84
C PRO A 58 28.77 -3.10 6.77
N GLY A 59 28.45 -3.36 8.03
CA GLY A 59 29.45 -3.62 9.03
C GLY A 59 29.03 -4.77 9.90
N PRO A 60 29.78 -4.99 10.99
CA PRO A 60 29.49 -6.13 11.86
C PRO A 60 28.16 -6.01 12.60
N PHE A 61 27.63 -4.82 12.79
CA PHE A 61 26.35 -4.63 13.46
C PHE A 61 25.17 -4.47 12.49
N GLY A 62 25.42 -4.44 11.18
CA GLY A 62 24.40 -4.65 10.17
C GLY A 62 24.48 -3.60 9.09
N ASP A 63 23.37 -3.49 8.35
CA ASP A 63 23.25 -2.56 7.22
C ASP A 63 21.80 -2.11 7.09
N VAL A 64 21.61 -0.88 6.61
CA VAL A 64 20.25 -0.37 6.49
C VAL A 64 19.40 -1.16 5.51
N LEU A 65 19.98 -1.93 4.58
CA LEU A 65 19.18 -2.77 3.69
C LEU A 65 19.07 -4.19 4.19
N CYS A 66 19.58 -4.48 5.38
CA CYS A 66 19.60 -5.83 5.92
C CYS A 66 18.85 -5.86 7.24
N ASP A 67 18.35 -7.03 7.59
CA ASP A 67 17.86 -7.28 8.92
C ASP A 67 19.06 -7.51 9.85
N SER A 68 18.76 -7.90 11.09
CA SER A 68 19.70 -7.82 12.20
C SER A 68 20.71 -8.96 12.16
N PRO A 69 22.01 -8.69 12.04
CA PRO A 69 22.99 -9.73 12.37
C PRO A 69 22.81 -10.15 13.82
N TYR A 70 23.12 -11.42 14.11
CA TYR A 70 23.06 -11.86 15.49
C TYR A 70 23.85 -10.94 16.40
N GLN A 71 25.01 -10.47 15.94
CA GLN A 71 25.84 -9.65 16.81
C GLN A 71 25.09 -8.38 17.20
N LEU A 72 24.23 -7.87 16.32
CA LEU A 72 23.44 -6.69 16.67
C LEU A 72 22.46 -7.03 17.80
N ILE A 73 21.72 -8.12 17.66
CA ILE A 73 20.74 -8.48 18.69
C ILE A 73 21.45 -8.76 20.00
N LEU A 74 22.52 -9.55 19.93
CA LEU A 74 23.36 -9.80 21.11
C LEU A 74 23.81 -8.50 21.76
N SER A 75 24.25 -7.51 20.97
CA SER A 75 24.73 -6.27 21.58
C SER A 75 23.60 -5.52 22.28
N ALA A 76 22.37 -5.63 21.77
CA ALA A 76 21.24 -4.96 22.43
C ALA A 76 20.98 -5.59 23.79
N PHE A 77 21.02 -6.91 23.86
CA PHE A 77 20.72 -7.58 25.12
C PHE A 77 21.89 -7.46 26.10
N ASP A 78 23.14 -7.44 25.61
CA ASP A 78 24.28 -7.20 26.52
C ASP A 78 24.22 -5.79 27.08
N PHE A 79 23.84 -4.81 26.27
CA PHE A 79 23.67 -3.47 26.80
C PHE A 79 22.67 -3.47 27.97
N ILE A 80 21.49 -4.07 27.75
CA ILE A 80 20.49 -4.16 28.82
C ILE A 80 21.11 -4.82 30.05
N LYS A 81 21.72 -5.98 29.86
CA LYS A 81 22.23 -6.75 31.00
C LYS A 81 23.23 -5.96 31.82
N ASN A 82 24.11 -5.20 31.17
CA ASN A 82 25.15 -4.43 31.84
C ASN A 82 24.79 -2.97 32.02
N SER A 83 23.54 -2.61 31.83
CA SER A 83 23.16 -1.19 31.83
C SER A 83 23.25 -0.56 33.20
N GLY A 84 23.26 -1.35 34.26
CA GLY A 84 23.03 -0.80 35.58
C GLY A 84 21.60 -0.44 35.90
N GLN A 85 20.64 -0.74 35.01
CA GLN A 85 19.23 -0.44 35.27
C GLN A 85 18.57 -1.67 35.86
N GLU A 86 17.93 -1.48 37.00
CA GLU A 86 17.14 -2.57 37.58
C GLU A 86 15.75 -2.62 36.93
N ALA A 87 15.35 -3.81 36.52
CA ALA A 87 14.05 -3.98 35.88
C ALA A 87 13.39 -5.22 36.46
N SER A 88 12.07 -5.15 36.67
CA SER A 88 11.37 -6.28 37.24
C SER A 88 10.76 -7.20 36.20
N PHE A 89 10.69 -6.75 34.95
CA PHE A 89 10.27 -7.61 33.85
C PHE A 89 10.60 -6.91 32.54
N MET A 90 10.26 -7.59 31.43
CA MET A 90 10.49 -7.13 30.08
C MET A 90 9.29 -7.53 29.25
N ILE A 91 8.86 -6.65 28.35
CA ILE A 91 7.91 -7.01 27.32
C ILE A 91 8.65 -7.10 25.99
N TRP A 92 8.23 -8.06 25.17
CA TRP A 92 8.91 -8.34 23.91
C TRP A 92 7.82 -8.54 22.86
N THR A 93 7.63 -7.54 21.99
CA THR A 93 6.43 -7.51 21.17
C THR A 93 6.66 -7.99 19.75
N GLY A 94 7.57 -8.95 19.55
CA GLY A 94 7.43 -9.88 18.43
C GLY A 94 8.31 -9.52 17.24
N ASP A 95 8.17 -10.37 16.20
CA ASP A 95 8.78 -10.26 14.86
C ASP A 95 10.25 -10.70 14.79
N SER A 96 10.49 -12.01 14.82
CA SER A 96 11.84 -12.54 14.96
C SER A 96 12.44 -13.00 13.63
N PRO A 97 11.71 -13.66 12.76
CA PRO A 97 12.29 -14.01 11.46
C PRO A 97 12.57 -12.77 10.63
N PRO A 98 13.43 -12.89 9.63
CA PRO A 98 13.81 -11.74 8.81
C PRO A 98 12.90 -11.58 7.59
N HIS A 99 13.12 -10.47 6.90
CA HIS A 99 12.35 -10.14 5.70
C HIS A 99 12.94 -10.86 4.51
N VAL A 100 12.50 -12.09 4.29
CA VAL A 100 12.84 -12.83 3.07
C VAL A 100 11.56 -13.36 2.45
N PRO A 101 11.61 -13.69 1.16
CA PRO A 101 10.42 -14.26 0.51
C PRO A 101 9.92 -15.51 1.21
N VAL A 102 8.61 -15.74 1.13
CA VAL A 102 7.98 -16.85 1.83
C VAL A 102 8.65 -18.19 1.48
N PRO A 103 9.01 -18.45 0.21
CA PRO A 103 9.64 -19.74 -0.12
C PRO A 103 11.01 -19.95 0.49
N GLU A 104 11.65 -18.92 1.02
CA GLU A 104 12.94 -19.07 1.70
C GLU A 104 12.77 -19.32 3.18
N LEU A 105 11.55 -19.44 3.67
CA LEU A 105 11.31 -19.79 5.05
C LEU A 105 10.41 -21.01 5.09
N SER A 106 10.11 -21.44 6.31
CA SER A 106 9.18 -22.53 6.54
C SER A 106 8.67 -22.39 7.96
N THR A 107 7.68 -23.21 8.31
CA THR A 107 7.25 -23.28 9.71
C THR A 107 8.41 -23.67 10.62
N GLY A 108 9.16 -24.71 10.23
CA GLY A 108 10.31 -25.12 11.04
C GLY A 108 11.36 -24.03 11.21
N THR A 109 11.68 -23.32 10.13
CA THR A 109 12.64 -22.23 10.24
C THR A 109 12.12 -21.10 11.13
N VAL A 110 10.86 -20.69 10.94
CA VAL A 110 10.29 -19.67 11.81
C VAL A 110 10.44 -20.08 13.26
N ILE A 111 9.99 -21.30 13.59
CA ILE A 111 10.14 -21.79 14.95
C ILE A 111 11.60 -21.76 15.38
N LYS A 112 12.50 -22.18 14.49
CA LYS A 112 13.93 -22.14 14.81
C LYS A 112 14.37 -20.73 15.21
N VAL A 113 14.00 -19.71 14.45
CA VAL A 113 14.45 -18.36 14.78
C VAL A 113 13.82 -17.88 16.09
N ILE A 114 12.51 -18.13 16.30
CA ILE A 114 11.88 -17.69 17.54
C ILE A 114 12.54 -18.40 18.73
N THR A 115 12.81 -19.70 18.58
CA THR A 115 13.52 -20.45 19.63
C THR A 115 14.84 -19.77 19.94
N ASN A 116 15.60 -19.42 18.90
CA ASN A 116 16.90 -18.82 19.11
C ASN A 116 16.78 -17.52 19.89
N MET A 117 15.83 -16.66 19.50
CA MET A 117 15.66 -15.40 20.23
C MET A 117 15.21 -15.66 21.67
N THR A 118 14.27 -16.58 21.86
CA THR A 118 13.78 -16.87 23.20
C THR A 118 14.91 -17.38 24.09
N MET A 119 15.68 -18.36 23.60
CA MET A 119 16.76 -18.94 24.40
CA MET A 119 16.75 -18.94 24.41
C MET A 119 17.85 -17.91 24.66
N THR A 120 18.16 -17.07 23.65
CA THR A 120 19.08 -15.98 23.90
C THR A 120 18.64 -15.17 25.11
N VAL A 121 17.35 -14.85 25.19
CA VAL A 121 16.89 -14.00 26.29
C VAL A 121 16.95 -14.78 27.60
N GLN A 122 16.50 -16.04 27.58
CA GLN A 122 16.47 -16.86 28.79
C GLN A 122 17.88 -17.14 29.33
N ASN A 123 18.85 -17.40 28.44
CA ASN A 123 20.24 -17.57 28.87
C ASN A 123 20.79 -16.30 29.51
N LEU A 124 20.57 -15.15 28.90
CA LEU A 124 21.14 -13.93 29.46
C LEU A 124 20.40 -13.42 30.69
N PHE A 125 19.09 -13.69 30.77
CA PHE A 125 18.24 -13.11 31.81
C PHE A 125 17.45 -14.23 32.51
N PRO A 126 18.14 -15.17 33.15
CA PRO A 126 17.44 -16.35 33.68
C PRO A 126 16.44 -16.05 34.78
N ASN A 127 16.56 -14.91 35.48
CA ASN A 127 15.66 -14.55 36.56
C ASN A 127 14.64 -13.46 36.18
N LEU A 128 14.46 -13.16 34.89
CA LEU A 128 13.61 -12.05 34.45
C LEU A 128 12.36 -12.62 33.78
N GLN A 129 11.19 -12.27 34.31
CA GLN A 129 9.94 -12.64 33.66
C GLN A 129 9.78 -11.83 32.38
N VAL A 130 9.49 -12.51 31.27
CA VAL A 130 9.34 -11.87 29.97
C VAL A 130 7.96 -12.17 29.41
N PHE A 131 7.33 -11.13 28.82
CA PHE A 131 5.99 -11.23 28.27
C PHE A 131 6.08 -11.00 26.78
N PRO A 132 6.08 -12.06 25.98
CA PRO A 132 6.15 -11.89 24.54
C PRO A 132 4.75 -11.75 23.93
N ALA A 133 4.74 -11.12 22.76
CA ALA A 133 3.60 -11.11 21.85
C ALA A 133 4.12 -11.56 20.50
N LEU A 134 3.26 -12.24 19.75
CA LEU A 134 3.62 -12.67 18.42
C LEU A 134 3.51 -11.51 17.44
N GLY A 135 4.44 -11.51 16.46
CA GLY A 135 4.46 -10.57 15.37
C GLY A 135 4.01 -11.21 14.08
N ASN A 136 3.77 -10.36 13.06
CA ASN A 136 3.21 -10.90 11.83
C ASN A 136 4.22 -11.76 11.07
N HIS A 137 5.49 -11.59 11.35
CA HIS A 137 6.53 -12.44 10.80
C HIS A 137 6.78 -13.69 11.62
N ASP A 138 6.11 -13.84 12.76
CA ASP A 138 6.26 -15.03 13.61
C ASP A 138 5.35 -16.15 13.18
N TYR A 139 5.27 -16.41 11.89
CA TYR A 139 4.42 -17.46 11.36
C TYR A 139 4.84 -17.72 9.93
N TRP A 140 4.58 -18.95 9.46
CA TRP A 140 4.84 -19.26 8.07
C TRP A 140 3.57 -19.75 7.40
N PRO A 141 3.21 -19.16 6.27
CA PRO A 141 3.78 -17.95 5.65
C PRO A 141 3.49 -16.71 6.50
N GLN A 142 4.31 -15.66 6.35
CA GLN A 142 4.13 -14.47 7.17
C GLN A 142 2.73 -13.91 7.03
N ASP A 143 2.28 -13.26 8.10
CA ASP A 143 1.01 -12.55 8.22
C ASP A 143 -0.21 -13.47 8.31
N GLN A 144 -0.08 -14.77 8.01
CA GLN A 144 -1.24 -15.67 7.97
C GLN A 144 -1.49 -16.34 9.31
N LEU A 145 -1.50 -15.57 10.38
CA LEU A 145 -1.69 -16.15 11.69
C LEU A 145 -3.12 -16.68 11.84
N PRO A 146 -3.30 -17.94 12.23
CA PRO A 146 -4.61 -18.57 12.16
C PRO A 146 -5.48 -18.32 13.40
N ILE A 147 -6.74 -18.76 13.30
CA ILE A 147 -7.73 -18.55 14.35
C ILE A 147 -7.99 -19.84 15.14
N VAL A 148 -7.17 -20.87 14.93
CA VAL A 148 -7.20 -22.13 15.68
C VAL A 148 -5.77 -22.48 16.01
N THR A 149 -5.60 -23.51 16.82
CA THR A 149 -4.27 -23.88 17.26
C THR A 149 -3.41 -24.33 16.07
N SER A 150 -2.10 -24.22 16.24
CA SER A 150 -1.19 -24.42 15.12
C SER A 150 0.18 -24.80 15.68
N LYS A 151 1.05 -25.27 14.79
CA LYS A 151 2.41 -25.65 15.22
C LYS A 151 3.13 -24.49 15.89
N VAL A 152 3.09 -23.29 15.27
CA VAL A 152 3.79 -22.14 15.83
C VAL A 152 3.21 -21.78 17.19
N TYR A 153 1.87 -21.74 17.30
CA TYR A 153 1.28 -21.43 18.58
C TYR A 153 1.69 -22.47 19.62
N SER A 154 1.68 -23.76 19.24
CA SER A 154 2.08 -24.80 20.18
CA SER A 154 2.08 -24.80 20.18
C SER A 154 3.56 -24.64 20.56
N ALA A 155 4.40 -24.25 19.60
CA ALA A 155 5.83 -24.11 19.86
C ALA A 155 6.11 -22.98 20.85
N VAL A 156 5.49 -21.81 20.66
CA VAL A 156 5.81 -20.70 21.57
C VAL A 156 5.19 -20.95 22.93
N ALA A 157 4.08 -21.68 22.97
CA ALA A 157 3.52 -22.08 24.25
C ALA A 157 4.54 -22.87 25.07
N ASP A 158 5.27 -23.78 24.42
CA ASP A 158 6.38 -24.45 25.12
C ASP A 158 7.53 -23.49 25.38
N LEU A 159 7.96 -22.74 24.37
CA LEU A 159 9.13 -21.87 24.57
C LEU A 159 8.93 -20.93 25.74
N TRP A 160 7.71 -20.44 25.96
CA TRP A 160 7.47 -19.33 26.88
C TRP A 160 6.84 -19.80 28.19
N LYS A 161 6.73 -21.12 28.36
CA LYS A 161 6.24 -21.71 29.62
C LYS A 161 6.96 -21.22 30.86
N PRO A 162 8.28 -20.93 30.85
CA PRO A 162 8.92 -20.38 32.06
C PRO A 162 8.34 -19.08 32.55
N TRP A 163 7.64 -18.32 31.70
CA TRP A 163 7.15 -17.00 32.05
C TRP A 163 5.65 -16.95 32.31
N LEU A 164 4.91 -17.93 31.81
CA LEU A 164 3.46 -17.91 31.75
C LEU A 164 2.85 -19.08 32.53
N GLY A 165 1.73 -18.81 33.21
CA GLY A 165 0.94 -19.83 33.88
C GLY A 165 0.15 -20.73 32.94
N GLU A 166 -0.57 -21.68 33.55
CA GLU A 166 -1.26 -22.70 32.77
C GLU A 166 -2.37 -22.09 31.92
N GLU A 167 -3.10 -21.13 32.48
CA GLU A 167 -4.15 -20.45 31.75
C GLU A 167 -3.57 -19.73 30.51
N ALA A 168 -2.56 -18.88 30.74
CA ALA A 168 -1.89 -18.18 29.64
C ALA A 168 -1.43 -19.15 28.57
N ILE A 169 -0.82 -20.26 28.98
CA ILE A 169 -0.33 -21.23 28.01
C ILE A 169 -1.47 -21.80 27.18
N SER A 170 -2.63 -22.02 27.80
CA SER A 170 -3.74 -22.62 27.06
CA SER A 170 -3.74 -22.62 27.06
C SER A 170 -4.30 -21.66 26.02
N THR A 171 -4.49 -20.38 26.39
CA THR A 171 -4.99 -19.42 25.39
C THR A 171 -3.96 -19.15 24.31
N LEU A 172 -2.68 -19.06 24.69
CA LEU A 172 -1.62 -18.90 23.71
C LEU A 172 -1.68 -20.01 22.67
N LYS A 173 -1.86 -21.24 23.11
CA LYS A 173 -1.78 -22.36 22.20
C LYS A 173 -2.97 -22.35 21.23
N LYS A 174 -4.08 -21.78 21.67
CA LYS A 174 -5.32 -21.77 20.90
C LYS A 174 -5.34 -20.62 19.89
N GLY A 175 -4.89 -19.43 20.30
CA GLY A 175 -5.08 -18.22 19.52
C GLY A 175 -3.92 -17.21 19.51
N GLY A 176 -2.81 -17.53 20.16
CA GLY A 176 -1.68 -16.64 20.12
C GLY A 176 -1.75 -15.46 21.06
N PHE A 177 -2.62 -15.52 22.06
CA PHE A 177 -2.79 -14.44 23.03
C PHE A 177 -2.92 -15.02 24.43
N TYR A 178 -2.76 -14.16 25.43
CA TYR A 178 -2.84 -14.57 26.82
C TYR A 178 -2.87 -13.31 27.66
N SER A 179 -3.31 -13.47 28.90
CA SER A 179 -3.01 -12.53 29.95
C SER A 179 -2.28 -13.25 31.08
N GLN A 180 -1.59 -12.48 31.92
CA GLN A 180 -0.68 -13.09 32.87
C GLN A 180 -0.36 -12.07 33.94
N LYS A 181 -0.58 -12.45 35.21
CA LYS A 181 -0.19 -11.61 36.33
C LYS A 181 1.32 -11.49 36.37
N VAL A 182 1.79 -10.34 36.83
CA VAL A 182 3.23 -10.07 36.89
C VAL A 182 3.72 -10.47 38.30
N ALA A 183 4.52 -11.53 38.35
CA ALA A 183 4.93 -12.13 39.63
C ALA A 183 5.55 -11.09 40.55
N SER A 184 6.42 -10.25 40.01
CA SER A 184 7.14 -9.25 40.79
C SER A 184 6.29 -8.05 41.17
N ASN A 185 5.10 -7.89 40.57
CA ASN A 185 4.31 -6.66 40.73
C ASN A 185 2.88 -7.06 41.02
N PRO A 186 2.52 -7.21 42.30
CA PRO A 186 1.14 -7.60 42.64
C PRO A 186 0.12 -6.53 42.23
N GLY A 187 -0.94 -6.99 41.59
CA GLY A 187 -1.94 -6.09 41.12
C GLY A 187 -1.76 -5.65 39.67
N LEU A 188 -0.72 -6.12 38.99
CA LEU A 188 -0.49 -5.80 37.58
C LEU A 188 -0.69 -7.03 36.73
N ARG A 189 -1.44 -6.86 35.65
CA ARG A 189 -1.66 -7.91 34.67
C ARG A 189 -1.19 -7.42 33.31
N ILE A 190 -0.54 -8.30 32.58
CA ILE A 190 -0.18 -8.05 31.19
C ILE A 190 -1.22 -8.75 30.35
N ILE A 191 -1.75 -8.04 29.37
CA ILE A 191 -2.59 -8.63 28.34
C ILE A 191 -1.80 -8.54 27.06
N SER A 192 -1.48 -9.68 26.47
CA SER A 192 -0.69 -9.77 25.26
C SER A 192 -1.62 -10.22 24.14
N LEU A 193 -1.96 -9.28 23.28
CA LEU A 193 -2.88 -9.54 22.18
C LEU A 193 -2.14 -10.01 20.96
N ASN A 194 -2.85 -10.78 20.16
CA ASN A 194 -2.45 -11.17 18.80
C ASN A 194 -3.18 -10.22 17.85
N THR A 195 -2.61 -9.00 17.66
CA THR A 195 -3.25 -8.05 16.74
C THR A 195 -2.93 -8.37 15.30
N ASN A 196 -2.08 -9.35 15.05
CA ASN A 196 -1.93 -9.88 13.71
C ASN A 196 -3.21 -10.51 13.18
N LEU A 197 -4.14 -10.89 14.06
CA LEU A 197 -5.44 -11.37 13.58
C LEU A 197 -6.21 -10.27 12.85
N TYR A 198 -5.87 -9.01 13.14
CA TYR A 198 -6.55 -7.86 12.60
C TYR A 198 -5.77 -7.17 11.49
N TYR A 199 -4.62 -7.72 11.08
CA TYR A 199 -3.71 -7.08 10.15
C TYR A 199 -4.14 -7.35 8.71
N GLY A 200 -4.10 -6.31 7.88
CA GLY A 200 -4.63 -6.36 6.53
C GLY A 200 -4.29 -7.58 5.70
N PRO A 201 -3.01 -7.95 5.66
CA PRO A 201 -2.60 -9.11 4.83
C PRO A 201 -3.08 -10.46 5.31
N ASN A 202 -3.77 -10.57 6.44
CA ASN A 202 -4.10 -11.90 7.00
C ASN A 202 -5.36 -12.46 6.34
N ILE A 203 -5.15 -13.42 5.43
CA ILE A 203 -6.28 -14.03 4.74
C ILE A 203 -7.15 -14.81 5.69
N MET A 204 -6.57 -15.31 6.79
CA MET A 204 -7.27 -16.25 7.67
C MET A 204 -8.41 -15.60 8.42
N THR A 205 -8.46 -14.28 8.52
CA THR A 205 -9.47 -13.62 9.31
C THR A 205 -10.41 -12.75 8.50
N LEU A 206 -10.30 -12.79 7.18
CA LEU A 206 -11.27 -12.09 6.35
C LEU A 206 -12.69 -12.43 6.76
N ASN A 207 -13.48 -11.38 6.99
CA ASN A 207 -14.91 -11.44 7.28
C ASN A 207 -15.23 -12.08 8.62
N LYS A 208 -14.27 -12.22 9.53
CA LYS A 208 -14.57 -12.70 10.88
C LYS A 208 -14.83 -11.53 11.81
N THR A 209 -15.98 -11.56 12.49
CA THR A 209 -16.32 -10.50 13.43
C THR A 209 -15.48 -10.57 14.70
N ASP A 210 -15.07 -11.77 15.11
CA ASP A 210 -14.26 -11.94 16.33
C ASP A 210 -13.33 -13.13 16.11
N PRO A 211 -12.25 -12.93 15.36
CA PRO A 211 -11.32 -14.04 15.11
C PRO A 211 -10.64 -14.56 16.38
N ALA A 212 -10.67 -15.90 16.54
CA ALA A 212 -10.18 -16.61 17.72
C ALA A 212 -10.87 -16.15 18.99
N ASN A 213 -12.00 -15.45 18.88
CA ASN A 213 -12.77 -14.97 20.02
C ASN A 213 -11.98 -14.03 20.90
N GLN A 214 -10.97 -13.39 20.32
CA GLN A 214 -10.12 -12.53 21.14
C GLN A 214 -10.88 -11.34 21.71
N PHE A 215 -11.87 -10.80 21.00
CA PHE A 215 -12.56 -9.64 21.55
C PHE A 215 -13.36 -10.03 22.81
N GLU A 216 -14.07 -11.14 22.74
CA GLU A 216 -14.85 -11.61 23.87
C GLU A 216 -13.93 -11.91 25.06
N TRP A 217 -12.85 -12.63 24.80
CA TRP A 217 -11.86 -12.93 25.83
C TRP A 217 -11.29 -11.63 26.41
N LEU A 218 -11.02 -10.64 25.55
CA LEU A 218 -10.46 -9.38 26.03
C LEU A 218 -11.44 -8.63 26.90
N GLU A 219 -12.70 -8.59 26.48
CA GLU A 219 -13.70 -7.90 27.28
C GLU A 219 -13.86 -8.57 28.63
N ASN A 220 -13.86 -9.90 28.65
CA ASN A 220 -14.01 -10.60 29.94
C ASN A 220 -12.79 -10.41 30.80
N THR A 221 -11.60 -10.45 30.20
CA THR A 221 -10.36 -10.25 30.95
C THR A 221 -10.34 -8.86 31.58
N LEU A 222 -10.69 -7.84 30.80
CA LEU A 222 -10.63 -6.49 31.35
C LEU A 222 -11.67 -6.29 32.45
N ASN A 223 -12.87 -6.83 32.25
CA ASN A 223 -13.91 -6.75 33.28
C ASN A 223 -13.46 -7.40 34.59
N SER A 224 -12.90 -8.60 34.50
CA SER A 224 -12.35 -9.24 35.70
CA SER A 224 -12.35 -9.24 35.70
C SER A 224 -11.32 -8.35 36.37
N SER A 225 -10.42 -7.72 35.59
CA SER A 225 -9.41 -6.84 36.18
C SER A 225 -10.08 -5.65 36.84
N LEU A 226 -11.11 -5.12 36.22
CA LEU A 226 -11.79 -3.98 36.80
C LEU A 226 -12.36 -4.32 38.18
N TRP A 227 -12.95 -5.51 38.30
CA TRP A 227 -13.62 -5.90 39.53
C TRP A 227 -12.64 -6.42 40.57
N ASN A 228 -11.57 -7.07 40.12
CA ASN A 228 -10.49 -7.51 40.99
C ASN A 228 -9.49 -6.41 41.26
N LYS A 229 -9.80 -5.18 40.88
CA LYS A 229 -9.00 -4.01 41.20
C LYS A 229 -7.56 -4.06 40.65
N GLU A 230 -7.32 -4.85 39.61
CA GLU A 230 -6.02 -4.88 38.94
C GLU A 230 -5.81 -3.67 38.02
N LYS A 231 -4.56 -3.46 37.62
CA LYS A 231 -4.22 -2.58 36.51
C LYS A 231 -3.67 -3.43 35.38
N VAL A 232 -3.85 -2.95 34.15
CA VAL A 232 -3.47 -3.69 32.97
C VAL A 232 -2.49 -2.89 32.13
N TYR A 233 -1.45 -3.56 31.63
CA TYR A 233 -0.64 -3.08 30.50
C TYR A 233 -1.00 -3.95 29.29
N ILE A 234 -1.44 -3.30 28.21
CA ILE A 234 -1.74 -4.01 26.99
C ILE A 234 -0.45 -4.03 26.18
N ILE A 235 -0.11 -5.19 25.62
CA ILE A 235 1.00 -5.28 24.68
C ILE A 235 0.55 -6.05 23.44
N ALA A 236 1.08 -5.66 22.29
CA ALA A 236 0.77 -6.37 21.06
C ALA A 236 1.80 -5.93 20.03
N HIS A 237 1.78 -6.62 18.89
CA HIS A 237 2.68 -6.26 17.81
C HIS A 237 2.16 -5.10 16.98
N VAL A 238 1.15 -5.34 16.14
CA VAL A 238 0.60 -4.25 15.30
C VAL A 238 -0.21 -3.30 16.17
N PRO A 239 0.01 -1.98 16.08
CA PRO A 239 -0.72 -1.05 16.94
C PRO A 239 -2.12 -0.76 16.41
N VAL A 240 -2.96 -0.21 17.30
CA VAL A 240 -4.20 0.46 16.92
C VAL A 240 -3.87 1.85 16.32
N GLY A 241 -4.89 2.57 15.84
CA GLY A 241 -4.66 3.91 15.35
C GLY A 241 -4.17 3.89 13.92
N TYR A 242 -3.67 5.04 13.49
CA TYR A 242 -3.42 5.35 12.08
C TYR A 242 -1.93 5.40 11.81
N LEU A 243 -1.52 4.94 10.65
CA LEU A 243 -0.11 5.06 10.29
C LEU A 243 0.24 6.53 10.14
N PRO A 244 1.29 7.02 10.79
CA PRO A 244 1.53 8.46 10.79
C PRO A 244 2.24 8.97 9.57
N TYR A 245 2.69 8.09 8.68
CA TYR A 245 3.38 8.49 7.45
C TYR A 245 2.52 8.36 6.21
N ALA A 246 1.29 7.90 6.35
CA ALA A 246 0.36 7.71 5.26
C ALA A 246 -0.92 8.44 5.61
N THR A 247 -1.78 8.65 4.60
CA THR A 247 -3.02 9.35 4.83
C THR A 247 -4.13 8.35 5.09
N ASP A 248 -4.81 8.51 6.22
CA ASP A 248 -6.07 7.83 6.45
C ASP A 248 -5.93 6.32 6.33
N THR A 249 -4.83 5.78 6.85
CA THR A 249 -4.57 4.35 6.73
C THR A 249 -4.45 3.73 8.13
N PRO A 250 -5.45 2.99 8.59
CA PRO A 250 -5.33 2.34 9.90
C PRO A 250 -4.33 1.19 9.82
N ALA A 251 -3.61 0.98 10.92
CA ALA A 251 -2.57 -0.05 10.95
C ALA A 251 -3.18 -1.45 10.94
N ILE A 252 -4.36 -1.62 11.53
CA ILE A 252 -5.11 -2.85 11.42
C ILE A 252 -6.43 -2.52 10.69
N ARG A 253 -7.14 -3.55 10.22
CA ARG A 253 -8.37 -3.29 9.49
C ARG A 253 -9.29 -2.36 10.28
N GLN A 254 -9.89 -1.41 9.57
CA GLN A 254 -10.71 -0.38 10.19
C GLN A 254 -11.78 -0.97 11.08
N TYR A 255 -12.49 -1.99 10.62
CA TYR A 255 -13.52 -2.60 11.47
C TYR A 255 -12.93 -3.02 12.81
N TYR A 256 -11.75 -3.65 12.77
CA TYR A 256 -11.11 -4.13 14.00
C TYR A 256 -10.57 -2.98 14.84
N ASN A 257 -9.94 -1.99 14.19
CA ASN A 257 -9.48 -0.82 14.91
C ASN A 257 -10.62 -0.16 15.71
N GLU A 258 -11.76 0.06 15.07
CA GLU A 258 -12.86 0.76 15.74
C GLU A 258 -13.37 -0.06 16.93
N LYS A 259 -13.49 -1.37 16.73
CA LYS A 259 -14.01 -2.26 17.75
C LYS A 259 -13.03 -2.40 18.91
N LEU A 260 -11.74 -2.52 18.60
CA LEU A 260 -10.77 -2.63 19.68
C LEU A 260 -10.68 -1.33 20.48
N LEU A 261 -10.76 -0.20 19.81
CA LEU A 261 -10.65 1.08 20.49
C LEU A 261 -11.83 1.34 21.41
N ASP A 262 -13.03 0.92 21.00
CA ASP A 262 -14.17 1.10 21.88
C ASP A 262 -14.02 0.31 23.17
N ILE A 263 -13.47 -0.91 23.09
CA ILE A 263 -13.13 -1.67 24.31
C ILE A 263 -12.14 -0.90 25.16
N PHE A 264 -11.08 -0.39 24.55
CA PHE A 264 -10.08 0.34 25.32
C PHE A 264 -10.68 1.59 25.95
N ARG A 265 -11.52 2.32 25.21
CA ARG A 265 -12.12 3.52 25.81
C ARG A 265 -13.01 3.13 26.99
N ARG A 266 -13.74 2.04 26.84
CA ARG A 266 -14.64 1.64 27.91
C ARG A 266 -13.87 1.21 29.16
N TYR A 267 -12.69 0.65 29.00
CA TYR A 267 -11.90 0.19 30.12
C TYR A 267 -10.66 1.04 30.33
N SER A 268 -10.73 2.34 30.01
CA SER A 268 -9.57 3.21 30.15
C SER A 268 -9.12 3.38 31.59
N SER A 269 -10.01 3.19 32.57
CA SER A 269 -9.64 3.39 33.96
C SER A 269 -8.74 2.28 34.45
N VAL A 270 -8.86 1.12 33.85
CA VAL A 270 -8.08 -0.05 34.21
C VAL A 270 -6.75 -0.13 33.44
N ILE A 271 -6.70 0.40 32.22
CA ILE A 271 -5.52 0.25 31.35
C ILE A 271 -4.57 1.38 31.70
N ALA A 272 -3.42 1.02 32.26
CA ALA A 272 -2.42 2.00 32.63
C ALA A 272 -1.34 2.17 31.56
N GLY A 273 -1.37 1.36 30.49
CA GLY A 273 -0.44 1.53 29.40
C GLY A 273 -0.76 0.63 28.23
N GLN A 274 -0.40 1.07 27.01
CA GLN A 274 -0.41 0.26 25.83
C GLN A 274 0.95 0.39 25.14
N PHE A 275 1.47 -0.74 24.66
CA PHE A 275 2.84 -0.86 24.15
C PHE A 275 2.81 -1.72 22.92
N TYR A 276 3.26 -1.15 21.79
CA TYR A 276 3.22 -1.83 20.51
C TYR A 276 4.58 -1.71 19.82
N GLY A 277 4.74 -2.51 18.77
CA GLY A 277 5.86 -2.32 17.86
C GLY A 277 5.42 -2.30 16.42
N HIS A 278 5.98 -3.19 15.62
CA HIS A 278 5.65 -3.39 14.22
C HIS A 278 6.04 -2.25 13.28
N THR A 279 5.91 -1.00 13.70
CA THR A 279 6.21 0.08 12.77
C THR A 279 7.69 0.36 12.65
N HIS A 280 8.50 -0.08 13.61
CA HIS A 280 9.94 0.15 13.64
C HIS A 280 10.28 1.61 13.87
N ARG A 281 9.32 2.39 14.38
CA ARG A 281 9.47 3.81 14.63
C ARG A 281 9.11 4.12 16.07
N ASP A 282 9.59 5.26 16.54
CA ASP A 282 9.26 5.77 17.86
C ASP A 282 8.08 6.74 17.74
N SER A 283 6.88 6.30 18.16
CA SER A 283 5.67 7.09 18.03
C SER A 283 4.89 7.09 19.33
N LEU A 284 4.20 8.20 19.59
CA LEU A 284 3.22 8.34 20.64
C LEU A 284 1.83 8.34 20.04
N MET A 285 0.86 7.87 20.80
CA MET A 285 -0.55 8.10 20.48
C MET A 285 -1.28 8.37 21.78
N VAL A 286 -2.34 9.15 21.69
CA VAL A 286 -3.19 9.41 22.85
C VAL A 286 -4.62 9.08 22.46
N LEU A 287 -5.13 7.98 22.99
CA LEU A 287 -6.54 7.64 22.85
C LEU A 287 -7.40 8.68 23.56
N SER A 288 -8.34 9.28 22.83
CA SER A 288 -9.22 10.30 23.36
C SER A 288 -10.67 9.89 23.12
N ASP A 289 -11.57 10.54 23.85
CA ASP A 289 -12.98 10.30 23.57
C ASP A 289 -13.37 11.09 22.32
N LYS A 290 -14.64 10.95 21.91
CA LYS A 290 -15.13 11.64 20.72
C LYS A 290 -14.99 13.15 20.83
N ASN A 291 -15.10 13.68 22.04
CA ASN A 291 -15.01 15.12 22.27
C ASN A 291 -13.59 15.59 22.53
N GLY A 292 -12.57 14.78 22.23
CA GLY A 292 -11.18 15.26 22.36
C GLY A 292 -10.57 15.16 23.75
N ASN A 293 -11.22 14.47 24.72
CA ASN A 293 -10.65 14.36 26.08
C ASN A 293 -9.73 13.15 26.15
N PRO A 294 -8.50 13.30 26.65
CA PRO A 294 -7.56 12.18 26.64
C PRO A 294 -7.90 11.11 27.66
N LEU A 295 -7.81 9.85 27.23
CA LEU A 295 -8.16 8.69 28.02
C LEU A 295 -7.01 7.71 28.25
N ASN A 296 -6.06 7.57 27.32
CA ASN A 296 -5.10 6.48 27.43
C ASN A 296 -3.85 6.74 26.57
N SER A 297 -2.68 6.54 27.16
CA SER A 297 -1.41 6.76 26.50
C SER A 297 -0.91 5.49 25.82
N VAL A 298 -0.36 5.67 24.61
CA VAL A 298 0.03 4.58 23.74
C VAL A 298 1.46 4.85 23.25
N PHE A 299 2.34 3.85 23.39
CA PHE A 299 3.76 3.99 23.12
C PHE A 299 4.16 2.93 22.11
N VAL A 300 4.53 3.36 20.91
CA VAL A 300 5.06 2.47 19.88
C VAL A 300 6.59 2.57 19.91
N ALA A 301 7.21 1.48 19.98
CA ALA A 301 8.64 1.39 20.20
C ALA A 301 9.37 1.04 18.93
N PRO A 302 10.53 1.65 18.71
CA PRO A 302 11.30 1.36 17.51
C PRO A 302 11.99 0.00 17.58
N ALA A 303 12.40 -0.47 16.42
CA ALA A 303 12.94 -1.81 16.28
C ALA A 303 14.43 -1.83 16.57
N VAL A 304 14.91 -3.01 16.96
CA VAL A 304 16.34 -3.31 16.94
C VAL A 304 16.86 -3.33 15.49
N THR A 305 16.18 -4.05 14.59
CA THR A 305 16.61 -4.09 13.20
C THR A 305 16.55 -2.69 12.59
N PRO A 306 17.49 -2.35 11.72
CA PRO A 306 17.43 -1.08 11.01
C PRO A 306 16.93 -1.20 9.58
N VAL A 307 16.38 -2.35 9.19
CA VAL A 307 16.15 -2.65 7.79
C VAL A 307 15.19 -1.64 7.17
N LYS A 308 15.46 -1.32 5.91
CA LYS A 308 14.56 -0.55 5.06
CA LYS A 308 14.56 -0.55 5.06
C LYS A 308 14.60 -1.15 3.66
N GLY A 309 13.57 -0.85 2.89
CA GLY A 309 13.59 -1.19 1.49
C GLY A 309 14.38 -0.16 0.70
N VAL A 310 14.80 -0.54 -0.49
CA VAL A 310 15.55 0.39 -1.32
C VAL A 310 14.71 1.63 -1.64
N LEU A 311 13.39 1.49 -1.67
CA LEU A 311 12.54 2.62 -2.06
C LEU A 311 12.46 3.70 -0.99
N GLN A 312 12.82 3.38 0.27
CA GLN A 312 12.65 4.30 1.38
C GLN A 312 13.88 5.16 1.57
N LYS A 313 13.68 6.40 1.99
CA LYS A 313 14.81 7.28 2.23
C LYS A 313 15.37 7.08 3.63
N GLU A 314 14.52 7.24 4.65
CA GLU A 314 14.94 7.18 6.04
C GLU A 314 14.69 5.78 6.59
N THR A 315 15.40 5.46 7.66
CA THR A 315 15.11 4.29 8.48
C THR A 315 15.49 4.60 9.92
N ASN A 316 15.35 3.62 10.80
CA ASN A 316 15.65 3.82 12.22
C ASN A 316 17.06 3.35 12.53
N ASN A 317 17.68 3.98 13.52
CA ASN A 317 18.74 3.33 14.28
C ASN A 317 18.13 2.22 15.17
N PRO A 318 18.88 1.15 15.47
CA PRO A 318 18.43 0.18 16.49
C PRO A 318 18.09 0.88 17.79
N GLY A 319 17.01 0.43 18.43
CA GLY A 319 16.61 1.01 19.70
C GLY A 319 16.08 -0.04 20.66
N VAL A 320 16.21 0.26 21.95
CA VAL A 320 15.51 -0.45 23.02
C VAL A 320 15.14 0.59 24.07
N ARG A 321 14.13 0.26 24.87
CA ARG A 321 13.60 1.30 25.74
C ARG A 321 13.19 0.72 27.08
N LEU A 322 13.05 1.63 28.03
CA LEU A 322 12.75 1.29 29.40
C LEU A 322 11.71 2.26 29.91
N PHE A 323 10.76 1.74 30.68
CA PHE A 323 9.72 2.56 31.27
C PHE A 323 9.89 2.63 32.78
N GLN A 324 9.52 3.77 33.37
CA GLN A 324 9.42 3.90 34.80
C GLN A 324 7.95 4.01 35.21
N TYR A 325 7.59 3.32 36.30
CA TYR A 325 6.22 3.36 36.80
C TYR A 325 6.19 3.48 38.33
N LYS A 326 5.05 3.95 38.83
CA LYS A 326 4.82 4.05 40.27
C LYS A 326 4.58 2.66 40.85
N PRO A 327 5.40 2.19 41.80
CA PRO A 327 5.21 0.81 42.30
C PRO A 327 3.88 0.66 43.01
N GLY A 328 3.31 -0.53 42.89
CA GLY A 328 2.01 -0.86 43.44
C GLY A 328 0.84 -0.11 42.83
N ASP A 329 1.09 0.88 41.97
CA ASP A 329 0.05 1.69 41.35
C ASP A 329 0.05 1.60 39.82
N TYR A 330 1.23 1.66 39.20
CA TYR A 330 1.46 1.27 37.81
C TYR A 330 1.22 2.41 36.82
N THR A 331 0.94 3.61 37.33
CA THR A 331 0.97 4.81 36.54
C THR A 331 2.34 5.00 35.94
N LEU A 332 2.37 5.34 34.65
CA LEU A 332 3.64 5.48 33.95
C LEU A 332 4.27 6.83 34.25
N LEU A 333 5.51 6.82 34.71
CA LEU A 333 6.21 8.03 35.09
C LEU A 333 7.14 8.57 34.01
N ASP A 334 7.82 7.70 33.28
CA ASP A 334 8.80 8.17 32.31
C ASP A 334 9.17 7.02 31.39
N MET A 335 9.79 7.40 30.28
CA MET A 335 10.32 6.44 29.32
CA MET A 335 10.32 6.44 29.33
C MET A 335 11.72 6.88 28.94
N VAL A 336 12.65 5.93 28.85
CA VAL A 336 14.03 6.18 28.48
C VAL A 336 14.30 5.40 27.22
N GLN A 337 14.62 6.11 26.14
CA GLN A 337 14.93 5.46 24.88
C GLN A 337 16.44 5.34 24.74
N TYR A 338 16.90 4.15 24.43
CA TYR A 338 18.29 3.87 24.12
C TYR A 338 18.42 3.52 22.66
N TYR A 339 19.62 3.74 22.12
CA TYR A 339 19.86 3.44 20.72
C TYR A 339 21.32 3.17 20.45
N LEU A 340 21.54 2.60 19.27
CA LEU A 340 22.83 2.39 18.68
C LEU A 340 22.95 3.26 17.43
N ASN A 341 23.88 4.18 17.45
CA ASN A 341 24.31 4.83 16.21
C ASN A 341 24.96 3.79 15.34
N LEU A 342 24.20 3.22 14.39
CA LEU A 342 24.71 2.07 13.65
C LEU A 342 25.93 2.42 12.81
N THR A 343 25.91 3.57 12.12
CA THR A 343 27.06 3.92 11.29
C THR A 343 28.31 4.08 12.15
N GLU A 344 28.21 4.87 13.24
CA GLU A 344 29.32 5.02 14.18
C GLU A 344 29.86 3.67 14.65
N ALA A 345 28.97 2.73 14.99
CA ALA A 345 29.40 1.45 15.53
C ALA A 345 30.05 0.57 14.46
N ASN A 346 29.55 0.61 13.22
CA ASN A 346 30.17 -0.21 12.18
C ASN A 346 31.55 0.34 11.81
N LEU A 347 31.76 1.65 11.96
CA LEU A 347 32.99 2.26 11.47
C LEU A 347 34.19 1.81 12.30
N LYS A 348 34.04 1.84 13.63
CA LYS A 348 35.08 1.40 14.56
C LYS A 348 34.92 -0.04 15.00
N GLY A 349 33.78 -0.68 14.73
CA GLY A 349 33.62 -2.09 15.06
C GLY A 349 33.24 -2.36 16.50
N GLU A 350 32.76 -1.36 17.23
CA GLU A 350 32.43 -1.49 18.63
C GLU A 350 31.08 -0.84 18.89
N SER A 351 30.19 -1.57 19.55
CA SER A 351 28.88 -1.03 19.89
C SER A 351 28.98 -0.02 21.05
N ASN A 352 28.20 1.05 20.98
CA ASN A 352 28.07 1.99 22.07
C ASN A 352 26.57 2.32 22.18
N TRP A 353 25.77 1.33 22.59
CA TRP A 353 24.39 1.60 22.99
C TRP A 353 24.38 2.71 24.02
N THR A 354 23.60 3.74 23.79
CA THR A 354 23.65 4.90 24.67
C THR A 354 22.26 5.53 24.76
N LEU A 355 22.12 6.43 25.72
CA LEU A 355 20.87 7.16 25.93
C LEU A 355 20.53 8.03 24.73
N GLU A 356 19.30 7.87 24.21
CA GLU A 356 18.84 8.83 23.21
C GLU A 356 18.11 10.00 23.86
N TYR A 357 17.09 9.72 24.68
CA TYR A 357 16.40 10.77 25.44
C TYR A 357 15.59 10.13 26.54
N VAL A 358 15.25 10.97 27.51
CA VAL A 358 14.29 10.68 28.58
C VAL A 358 13.08 11.54 28.30
N LEU A 359 11.92 10.90 28.16
CA LEU A 359 10.73 11.60 27.64
C LEU A 359 10.43 12.86 28.44
N THR A 360 10.38 12.76 29.77
CA THR A 360 9.99 13.92 30.58
C THR A 360 10.95 15.09 30.39
N GLN A 361 12.24 14.80 30.20
CA GLN A 361 13.25 15.84 30.08
C GLN A 361 13.25 16.41 28.67
N ALA A 362 13.17 15.54 27.67
CA ALA A 362 13.15 15.99 26.29
C ALA A 362 12.00 16.94 26.03
N TYR A 363 10.82 16.63 26.56
CA TYR A 363 9.59 17.36 26.23
C TYR A 363 9.06 18.20 27.37
N SER A 364 9.71 18.18 28.54
CA SER A 364 9.30 19.00 29.69
C SER A 364 7.86 18.71 30.10
N VAL A 365 7.58 17.42 30.32
CA VAL A 365 6.30 17.01 30.86
C VAL A 365 6.54 16.32 32.20
N ALA A 366 5.50 16.35 33.03
CA ALA A 366 5.58 15.82 34.39
C ALA A 366 5.57 14.31 34.43
N ASP A 367 4.88 13.67 33.51
CA ASP A 367 4.72 12.22 33.50
C ASP A 367 4.10 11.83 32.17
N LEU A 368 3.73 10.56 32.07
CA LEU A 368 3.21 9.95 30.86
C LEU A 368 1.71 9.74 30.92
N GLN A 369 1.04 10.44 31.80
CA GLN A 369 -0.40 10.35 31.91
C GLN A 369 -1.04 10.98 30.69
N PRO A 370 -2.21 10.48 30.25
CA PRO A 370 -2.84 11.01 29.03
C PRO A 370 -2.96 12.51 28.99
N LYS A 371 -3.40 13.14 30.08
CA LYS A 371 -3.52 14.60 30.01
C LYS A 371 -2.18 15.27 29.82
N SER A 372 -1.10 14.70 30.36
CA SER A 372 0.21 15.32 30.17
C SER A 372 0.68 15.18 28.73
N LEU A 373 0.49 14.00 28.13
CA LEU A 373 0.92 13.82 26.76
C LEU A 373 0.02 14.56 25.79
N TYR A 374 -1.28 14.65 26.11
CA TYR A 374 -2.18 15.45 25.30
C TYR A 374 -1.71 16.90 25.22
N ALA A 375 -1.42 17.51 26.36
CA ALA A 375 -0.91 18.87 26.36
C ALA A 375 0.35 18.99 25.51
N LEU A 376 1.26 18.02 25.59
CA LEU A 376 2.46 18.06 24.76
C LEU A 376 2.11 18.07 23.28
N VAL A 377 1.18 17.21 22.86
CA VAL A 377 0.94 17.08 21.43
C VAL A 377 0.20 18.29 20.87
N GLN A 378 -0.61 18.96 21.69
CA GLN A 378 -1.16 20.24 21.26
CA GLN A 378 -1.16 20.23 21.24
C GLN A 378 -0.07 21.29 21.07
N GLN A 379 1.08 21.11 21.71
CA GLN A 379 2.23 21.94 21.37
C GLN A 379 2.78 21.59 19.99
N PHE A 380 2.85 20.30 19.67
CA PHE A 380 3.36 19.88 18.36
C PHE A 380 2.62 20.62 17.25
N ALA A 381 1.32 20.79 17.43
CA ALA A 381 0.47 21.42 16.42
C ALA A 381 0.86 22.85 16.13
N THR A 382 1.52 23.54 17.05
CA THR A 382 1.83 24.95 16.82
C THR A 382 2.87 25.09 15.70
N LYS A 383 2.78 26.21 15.00
CA LYS A 383 3.64 26.42 13.83
C LYS A 383 5.09 26.51 14.25
N ASP A 384 5.94 25.76 13.55
CA ASP A 384 7.38 25.68 13.79
C ASP A 384 7.74 25.15 15.19
N SER A 385 6.82 24.46 15.86
CA SER A 385 7.08 23.86 17.16
C SER A 385 8.44 23.18 17.21
N LYS A 386 9.28 23.65 18.12
CA LYS A 386 10.54 22.95 18.35
C LYS A 386 10.30 21.59 19.00
N GLN A 387 9.21 21.46 19.75
CA GLN A 387 8.90 20.15 20.33
C GLN A 387 8.66 19.12 19.23
N PHE A 388 7.85 19.48 18.22
CA PHE A 388 7.59 18.53 17.15
C PHE A 388 8.86 18.21 16.37
N LEU A 389 9.72 19.21 16.14
CA LEU A 389 10.94 18.94 15.41
C LEU A 389 11.76 17.88 16.12
N LYS A 390 11.88 18.00 17.43
CA LYS A 390 12.53 16.96 18.23
C LYS A 390 11.84 15.61 18.06
N TYR A 391 10.50 15.58 18.20
CA TYR A 391 9.78 14.33 18.03
C TYR A 391 10.08 13.71 16.69
N TYR A 392 10.17 14.53 15.61
CA TYR A 392 10.36 13.96 14.29
C TYR A 392 11.77 13.41 14.16
N HIS A 393 12.73 14.03 14.85
CA HIS A 393 14.09 13.50 14.89
C HIS A 393 14.13 12.15 15.58
N TYR A 394 13.42 12.01 16.71
CA TYR A 394 13.37 10.76 17.45
C TYR A 394 12.51 9.69 16.78
N TYR A 395 11.56 10.09 15.94
CA TYR A 395 10.71 9.13 15.23
C TYR A 395 11.55 8.09 14.49
N PHE A 396 12.65 8.52 13.88
CA PHE A 396 13.61 7.63 13.21
C PHE A 396 14.78 7.24 14.13
N VAL A 397 14.62 7.45 15.43
CA VAL A 397 15.67 7.15 16.41
C VAL A 397 16.96 7.87 16.01
N SER A 398 16.83 9.15 15.68
CA SER A 398 17.98 10.05 15.42
C SER A 398 18.84 9.58 14.26
N TYR A 399 18.23 8.84 13.33
CA TYR A 399 18.92 8.44 12.11
C TYR A 399 19.50 9.63 11.35
N ASP A 400 18.78 10.77 11.28
CA ASP A 400 19.13 11.82 10.31
C ASP A 400 18.55 13.15 10.77
N SER A 401 19.37 13.96 11.44
CA SER A 401 18.89 15.24 11.93
C SER A 401 18.52 16.19 10.81
N SER A 402 18.94 15.94 9.58
CA SER A 402 18.54 16.82 8.49
C SER A 402 17.24 16.39 7.83
N ALA A 403 16.68 15.23 8.17
CA ALA A 403 15.36 14.86 7.68
C ALA A 403 14.34 15.90 8.12
N THR A 404 13.51 16.34 7.18
CA THR A 404 12.55 17.39 7.42
C THR A 404 11.15 16.87 7.18
N CYS A 405 10.19 17.51 7.82
CA CYS A 405 8.79 17.11 7.75
C CYS A 405 7.98 18.32 7.29
N ASP A 406 7.61 18.37 6.01
CA ASP A 406 6.83 19.48 5.47
C ASP A 406 5.40 19.48 6.04
N GLN A 407 4.64 20.51 5.65
CA GLN A 407 3.35 20.77 6.27
C GLN A 407 2.43 19.56 6.17
N HIS A 408 2.39 18.93 5.00
CA HIS A 408 1.57 17.75 4.80
C HIS A 408 2.05 16.60 5.68
N CYS A 409 3.38 16.37 5.71
CA CYS A 409 3.96 15.33 6.57
CA CYS A 409 3.96 15.33 6.57
CA CYS A 409 3.95 15.33 6.56
C CYS A 409 3.56 15.54 8.03
N LYS A 410 3.68 16.76 8.51
CA LYS A 410 3.40 17.06 9.91
C LYS A 410 1.93 16.92 10.22
N THR A 411 1.07 17.33 9.29
CA THR A 411 -0.37 17.12 9.49
C THR A 411 -0.66 15.64 9.67
N LEU A 412 -0.10 14.80 8.82
CA LEU A 412 -0.29 13.36 8.96
C LEU A 412 0.21 12.86 10.31
N GLN A 413 1.40 13.32 10.74
CA GLN A 413 1.94 12.86 12.01
C GLN A 413 1.06 13.27 13.17
N VAL A 414 0.74 14.57 13.25
CA VAL A 414 0.00 15.08 14.41
C VAL A 414 -1.40 14.50 14.45
N CYS A 415 -2.05 14.39 13.29
CA CYS A 415 -3.38 13.80 13.26
CA CYS A 415 -3.37 13.79 13.23
C CYS A 415 -3.37 12.36 13.77
N ALA A 416 -2.34 11.57 13.40
CA ALA A 416 -2.28 10.18 13.86
C ALA A 416 -1.94 10.10 15.34
N ILE A 417 -1.22 11.08 15.89
CA ILE A 417 -0.86 11.04 17.29
C ILE A 417 -2.11 11.20 18.14
N MET A 418 -3.02 12.05 17.69
CA MET A 418 -4.13 12.52 18.51
CA MET A 418 -4.13 12.52 18.51
C MET A 418 -5.46 11.84 18.21
N ASN A 419 -5.61 11.20 17.07
CA ASN A 419 -6.91 10.71 16.62
C ASN A 419 -6.78 9.27 16.17
N LEU A 420 -7.20 8.33 17.05
CA LEU A 420 -7.00 6.92 16.78
C LEU A 420 -8.15 6.29 16.03
N ASP A 421 -9.35 6.85 16.15
CA ASP A 421 -10.55 6.36 15.48
C ASP A 421 -10.83 7.17 14.22
N SER A 422 -11.65 6.59 13.35
CA SER A 422 -11.81 7.11 11.98
CA SER A 422 -11.82 7.11 11.98
C SER A 422 -12.52 8.45 11.97
N MET A 423 -13.56 8.62 12.79
CA MET A 423 -14.31 9.86 12.77
CA MET A 423 -14.31 9.86 12.77
C MET A 423 -13.45 11.03 13.21
N SER A 424 -12.67 10.84 14.29
CA SER A 424 -11.83 11.93 14.76
CA SER A 424 -11.82 11.92 14.77
C SER A 424 -10.63 12.15 13.84
N TYR A 425 -10.07 11.09 13.27
CA TYR A 425 -8.96 11.25 12.33
C TYR A 425 -9.40 12.04 11.10
N ASP A 426 -10.54 11.68 10.52
CA ASP A 426 -11.03 12.39 9.34
C ASP A 426 -11.37 13.84 9.64
N ASP A 427 -11.94 14.13 10.82
CA ASP A 427 -12.20 15.52 11.20
CA ASP A 427 -12.19 15.52 11.19
C ASP A 427 -10.90 16.30 11.30
N CYS A 428 -9.85 15.69 11.83
CA CYS A 428 -8.58 16.40 11.90
C CYS A 428 -8.03 16.72 10.51
N LEU A 429 -8.18 15.80 9.55
CA LEU A 429 -7.79 16.11 8.17
C LEU A 429 -8.61 17.26 7.61
N LYS A 430 -9.92 17.25 7.85
CA LYS A 430 -10.75 18.35 7.36
C LYS A 430 -10.21 19.68 7.84
N GLN A 431 -9.91 19.77 9.14
CA GLN A 431 -9.45 21.02 9.73
C GLN A 431 -8.05 21.39 9.30
N HIS A 432 -7.14 20.44 9.06
CA HIS A 432 -5.72 20.79 8.94
C HIS A 432 -5.07 20.50 7.61
N LEU A 433 -5.70 19.76 6.71
CA LEU A 433 -5.10 19.61 5.39
C LEU A 433 -5.04 20.97 4.65
N HIS B 8 -13.01 16.19 -67.49
CA HIS B 8 -11.79 16.10 -68.30
C HIS B 8 -10.60 16.85 -67.66
N LYS B 9 -10.72 17.22 -66.38
CA LYS B 9 -9.72 18.02 -65.69
C LYS B 9 -9.04 17.29 -64.55
N LEU B 10 -9.47 16.06 -64.22
CA LEU B 10 -8.85 15.25 -63.17
C LEU B 10 -8.96 15.90 -61.78
N VAL B 11 -10.17 16.32 -61.42
CA VAL B 11 -10.43 16.89 -60.09
C VAL B 11 -10.84 15.77 -59.14
N PRO B 12 -10.40 15.77 -57.88
CA PRO B 12 -10.77 14.67 -56.97
C PRO B 12 -12.28 14.49 -56.89
N LEU B 13 -12.71 13.23 -56.92
CA LEU B 13 -14.13 12.92 -56.99
C LEU B 13 -14.82 13.30 -55.69
N ALA B 14 -15.93 14.02 -55.81
CA ALA B 14 -16.62 14.58 -54.64
C ALA B 14 -17.69 13.62 -54.17
N PRO B 15 -17.73 13.28 -52.87
CA PRO B 15 -18.85 12.47 -52.34
C PRO B 15 -20.04 13.33 -51.97
N ALA B 16 -21.12 12.70 -51.49
CA ALA B 16 -22.32 13.43 -51.12
C ALA B 16 -22.00 14.53 -50.12
N ASP B 17 -22.91 15.50 -50.02
CA ASP B 17 -22.80 16.55 -49.01
C ASP B 17 -23.20 16.05 -47.63
N ARG B 18 -23.55 14.77 -47.49
CA ARG B 18 -23.99 14.24 -46.21
C ARG B 18 -22.87 14.33 -45.18
N ALA B 19 -23.25 14.22 -43.91
CA ALA B 19 -22.29 14.27 -42.83
C ALA B 19 -21.37 13.06 -42.89
N PRO B 20 -20.07 13.22 -42.64
CA PRO B 20 -19.17 12.06 -42.65
C PRO B 20 -19.53 11.09 -41.53
N ALA B 21 -19.21 9.82 -41.75
CA ALA B 21 -19.31 8.86 -40.67
C ALA B 21 -18.31 9.23 -39.58
N VAL B 22 -18.76 9.19 -38.33
CA VAL B 22 -17.86 9.39 -37.21
C VAL B 22 -16.70 8.42 -37.36
N GLY B 23 -15.52 8.80 -36.87
CA GLY B 23 -14.45 7.85 -36.73
C GLY B 23 -14.56 7.06 -35.44
N GLN B 24 -13.84 5.94 -35.39
CA GLN B 24 -13.89 5.04 -34.26
C GLN B 24 -12.52 4.41 -34.07
N PHE B 25 -12.18 4.12 -32.81
CA PHE B 25 -11.01 3.31 -32.49
C PHE B 25 -11.28 2.49 -31.25
N TRP B 26 -10.57 1.37 -31.14
CA TRP B 26 -10.70 0.44 -30.03
C TRP B 26 -9.62 0.74 -29.01
N HIS B 27 -9.94 0.54 -27.75
CA HIS B 27 -8.98 0.55 -26.67
C HIS B 27 -9.12 -0.77 -25.94
N VAL B 28 -8.04 -1.54 -25.89
CA VAL B 28 -8.00 -2.74 -25.08
C VAL B 28 -6.78 -2.61 -24.19
N THR B 29 -6.85 -3.22 -23.02
CA THR B 29 -5.78 -3.03 -22.04
C THR B 29 -5.78 -4.18 -21.06
N ASP B 30 -4.61 -4.39 -20.45
CA ASP B 30 -4.40 -5.27 -19.31
C ASP B 30 -4.91 -6.69 -19.60
N LEU B 31 -4.38 -7.26 -20.68
CA LEU B 31 -4.74 -8.62 -21.08
C LEU B 31 -4.28 -9.66 -20.06
N HIS B 32 -3.05 -9.51 -19.53
CA HIS B 32 -2.54 -10.44 -18.52
C HIS B 32 -2.84 -11.90 -18.86
N LEU B 33 -2.23 -12.40 -19.93
CA LEU B 33 -2.36 -13.80 -20.31
C LEU B 33 -1.66 -14.67 -19.29
N ASP B 34 -2.38 -15.67 -18.77
CA ASP B 34 -1.75 -16.71 -17.98
C ASP B 34 -1.73 -18.00 -18.79
N PRO B 35 -0.58 -18.42 -19.32
CA PRO B 35 -0.56 -19.67 -20.10
C PRO B 35 -0.98 -20.91 -19.32
N THR B 36 -0.79 -20.93 -17.99
CA THR B 36 -1.01 -22.12 -17.17
C THR B 36 -2.49 -22.45 -16.95
N TYR B 37 -3.41 -21.63 -17.40
CA TYR B 37 -4.82 -21.84 -17.09
C TYR B 37 -5.35 -23.11 -17.75
N HIS B 38 -5.87 -24.03 -16.94
CA HIS B 38 -6.65 -25.18 -17.42
C HIS B 38 -7.60 -25.64 -16.33
N ILE B 39 -8.87 -25.84 -16.68
CA ILE B 39 -9.83 -26.42 -15.74
C ILE B 39 -9.22 -27.69 -15.14
N THR B 40 -9.36 -27.85 -13.83
CA THR B 40 -8.73 -28.95 -13.12
C THR B 40 -9.53 -29.26 -11.86
N ASP B 41 -9.55 -30.55 -11.51
CA ASP B 41 -10.28 -30.99 -10.32
C ASP B 41 -9.71 -30.32 -9.07
N ASP B 42 -8.38 -30.30 -8.94
CA ASP B 42 -7.73 -29.57 -7.84
C ASP B 42 -7.64 -28.09 -8.21
N ARG B 43 -8.31 -27.22 -7.44
CA ARG B 43 -8.46 -25.82 -7.82
C ARG B 43 -7.24 -24.96 -7.49
N THR B 44 -6.29 -25.46 -6.70
CA THR B 44 -5.06 -24.72 -6.43
C THR B 44 -3.98 -24.94 -7.50
N LYS B 45 -4.35 -25.53 -8.63
CA LYS B 45 -3.42 -25.75 -9.73
C LYS B 45 -4.03 -25.34 -11.05
N VAL B 46 -5.23 -24.74 -11.02
CA VAL B 46 -5.84 -24.19 -12.23
C VAL B 46 -4.91 -23.21 -12.91
N CYS B 47 -4.26 -22.33 -12.13
CA CYS B 47 -3.57 -21.18 -12.69
C CYS B 47 -2.52 -20.73 -11.69
N ALA B 48 -1.27 -20.62 -12.16
CA ALA B 48 -0.19 -20.12 -11.32
C ALA B 48 -0.48 -18.73 -10.75
N SER B 49 -1.24 -17.90 -11.48
CA SER B 49 -1.48 -16.54 -11.02
C SER B 49 -2.34 -16.50 -9.75
N SER B 50 -3.08 -17.56 -9.42
CA SER B 50 -3.74 -17.60 -8.12
C SER B 50 -2.78 -17.88 -6.98
N LYS B 51 -1.51 -18.14 -7.29
CA LYS B 51 -0.46 -18.30 -6.27
C LYS B 51 -0.90 -19.22 -5.14
N GLY B 52 -1.42 -20.39 -5.51
CA GLY B 52 -1.75 -21.42 -4.56
C GLY B 52 -3.18 -21.38 -4.04
N ALA B 53 -3.85 -20.25 -4.14
CA ALA B 53 -5.22 -20.21 -3.67
C ALA B 53 -6.10 -21.05 -4.56
N ASN B 54 -7.24 -21.47 -4.00
CA ASN B 54 -8.22 -22.24 -4.75
C ASN B 54 -8.99 -21.31 -5.67
N ALA B 55 -8.87 -21.51 -6.97
CA ALA B 55 -9.76 -20.83 -7.89
C ALA B 55 -11.19 -20.92 -7.37
N SER B 56 -11.88 -19.79 -7.37
CA SER B 56 -13.20 -19.72 -6.75
C SER B 56 -14.22 -20.58 -7.48
N ASN B 57 -14.20 -20.57 -8.80
CA ASN B 57 -15.21 -21.26 -9.58
C ASN B 57 -14.82 -21.22 -11.05
N PRO B 58 -13.74 -21.91 -11.41
CA PRO B 58 -13.11 -21.69 -12.72
C PRO B 58 -13.92 -22.27 -13.87
N GLY B 59 -13.88 -21.55 -14.98
CA GLY B 59 -14.52 -21.97 -16.21
C GLY B 59 -13.58 -21.81 -17.39
N PRO B 60 -14.07 -22.09 -18.59
CA PRO B 60 -13.19 -21.98 -19.76
C PRO B 60 -12.72 -20.56 -20.02
N PHE B 61 -13.48 -19.56 -19.61
CA PHE B 61 -13.11 -18.17 -19.84
C PHE B 61 -12.39 -17.52 -18.65
N GLY B 62 -12.25 -18.23 -17.52
CA GLY B 62 -11.33 -17.81 -16.47
C GLY B 62 -11.97 -17.90 -15.09
N ASP B 63 -11.30 -17.28 -14.13
CA ASP B 63 -11.75 -17.27 -12.73
C ASP B 63 -11.31 -15.97 -12.06
N VAL B 64 -12.10 -15.52 -11.09
CA VAL B 64 -11.80 -14.22 -10.48
C VAL B 64 -10.46 -14.22 -9.74
N LEU B 65 -9.92 -15.38 -9.36
CA LEU B 65 -8.60 -15.42 -8.74
C LEU B 65 -7.49 -15.70 -9.75
N CYS B 66 -7.81 -15.75 -11.03
CA CYS B 66 -6.84 -16.10 -12.07
C CYS B 66 -6.70 -14.96 -13.07
N ASP B 67 -5.52 -14.89 -13.67
CA ASP B 67 -5.36 -14.08 -14.85
C ASP B 67 -5.98 -14.78 -16.07
N SER B 68 -5.83 -14.16 -17.23
CA SER B 68 -6.68 -14.48 -18.39
C SER B 68 -6.29 -15.81 -19.01
N PRO B 69 -7.24 -16.73 -19.25
CA PRO B 69 -6.97 -17.80 -20.20
C PRO B 69 -6.80 -17.22 -21.59
N TYR B 70 -5.93 -17.82 -22.38
CA TYR B 70 -5.89 -17.47 -23.78
C TYR B 70 -7.28 -17.47 -24.37
N GLN B 71 -8.14 -18.37 -23.91
CA GLN B 71 -9.47 -18.43 -24.51
C GLN B 71 -10.26 -17.16 -24.24
N LEU B 72 -10.03 -16.52 -23.10
CA LEU B 72 -10.73 -15.26 -22.84
C LEU B 72 -10.21 -14.18 -23.77
N ILE B 73 -8.91 -14.07 -23.89
CA ILE B 73 -8.31 -13.05 -24.76
C ILE B 73 -8.78 -13.22 -26.19
N LEU B 74 -8.74 -14.46 -26.70
CA LEU B 74 -9.23 -14.69 -28.06
CA LEU B 74 -9.23 -14.70 -28.06
C LEU B 74 -10.69 -14.26 -28.19
N SER B 75 -11.54 -14.63 -27.22
CA SER B 75 -12.93 -14.24 -27.31
C SER B 75 -13.07 -12.74 -27.39
N ALA B 76 -12.21 -12.00 -26.69
CA ALA B 76 -12.26 -10.55 -26.74
C ALA B 76 -11.94 -10.05 -28.14
N PHE B 77 -10.86 -10.53 -28.73
CA PHE B 77 -10.46 -10.05 -30.05
C PHE B 77 -11.39 -10.56 -31.15
N ASP B 78 -11.82 -11.82 -31.05
CA ASP B 78 -12.86 -12.30 -31.97
C ASP B 78 -14.10 -11.44 -31.87
N PHE B 79 -14.45 -10.99 -30.66
CA PHE B 79 -15.61 -10.13 -30.57
C PHE B 79 -15.39 -8.83 -31.32
N ILE B 80 -14.22 -8.21 -31.16
CA ILE B 80 -13.94 -6.98 -31.89
C ILE B 80 -13.98 -7.24 -33.39
N LYS B 81 -13.29 -8.30 -33.83
CA LYS B 81 -13.24 -8.65 -35.26
C LYS B 81 -14.63 -8.82 -35.86
N ASN B 82 -15.55 -9.45 -35.13
CA ASN B 82 -16.86 -9.77 -35.67
C ASN B 82 -17.92 -8.77 -35.24
N SER B 83 -17.52 -7.68 -34.58
CA SER B 83 -18.49 -6.77 -33.97
C SER B 83 -19.35 -6.03 -34.97
N GLY B 84 -18.91 -5.91 -36.22
CA GLY B 84 -19.58 -5.01 -37.14
C GLY B 84 -19.22 -3.55 -36.99
N GLN B 85 -18.26 -3.21 -36.12
CA GLN B 85 -17.84 -1.82 -35.92
C GLN B 85 -16.63 -1.56 -36.80
N GLU B 86 -16.69 -0.51 -37.59
CA GLU B 86 -15.53 -0.07 -38.35
C GLU B 86 -14.65 0.76 -37.44
N ALA B 87 -13.35 0.47 -37.45
CA ALA B 87 -12.39 1.20 -36.63
C ALA B 87 -11.15 1.47 -37.47
N SER B 88 -10.64 2.70 -37.38
CA SER B 88 -9.43 3.01 -38.14
C SER B 88 -8.14 2.73 -37.38
N PHE B 89 -8.17 2.58 -36.05
CA PHE B 89 -6.99 2.12 -35.32
C PHE B 89 -7.42 1.55 -33.97
N MET B 90 -6.44 1.00 -33.26
CA MET B 90 -6.61 0.50 -31.90
C MET B 90 -5.49 1.04 -31.03
N ILE B 91 -5.81 1.36 -29.77
CA ILE B 91 -4.79 1.62 -28.77
C ILE B 91 -4.79 0.47 -27.80
N TRP B 92 -3.62 0.11 -27.32
CA TRP B 92 -3.44 -1.06 -26.49
C TRP B 92 -2.47 -0.68 -25.38
N THR B 93 -2.97 -0.47 -24.18
CA THR B 93 -2.18 0.22 -23.17
C THR B 93 -1.56 -0.71 -22.15
N GLY B 94 -1.11 -1.90 -22.53
CA GLY B 94 -0.07 -2.60 -21.77
C GLY B 94 -0.60 -3.75 -20.93
N ASP B 95 0.38 -4.41 -20.28
CA ASP B 95 0.27 -5.42 -19.22
C ASP B 95 -0.15 -6.83 -19.70
N SER B 96 0.78 -7.52 -20.35
CA SER B 96 0.53 -8.81 -20.98
C SER B 96 0.90 -10.04 -20.14
N PRO B 97 2.03 -10.07 -19.44
CA PRO B 97 2.35 -11.22 -18.60
C PRO B 97 1.46 -11.29 -17.37
N PRO B 98 1.37 -12.45 -16.72
CA PRO B 98 0.41 -12.61 -15.63
C PRO B 98 1.02 -12.26 -14.28
N HIS B 99 0.13 -12.22 -13.28
CA HIS B 99 0.52 -11.89 -11.90
C HIS B 99 1.07 -13.13 -11.21
N VAL B 100 2.36 -13.37 -11.41
CA VAL B 100 3.04 -14.47 -10.74
C VAL B 100 4.31 -13.94 -10.09
N PRO B 101 4.83 -14.62 -9.08
CA PRO B 101 6.05 -14.13 -8.42
C PRO B 101 7.17 -13.96 -9.41
N VAL B 102 8.10 -13.06 -9.09
CA VAL B 102 9.15 -12.72 -10.04
C VAL B 102 9.94 -13.96 -10.46
N PRO B 103 10.44 -14.78 -9.53
CA PRO B 103 11.29 -15.91 -9.94
C PRO B 103 10.60 -16.89 -10.85
N GLU B 104 9.27 -16.86 -10.94
CA GLU B 104 8.56 -17.69 -11.90
C GLU B 104 8.52 -17.09 -13.30
N LEU B 105 9.18 -15.96 -13.54
CA LEU B 105 9.22 -15.32 -14.85
C LEU B 105 10.67 -15.02 -15.20
N SER B 106 10.87 -14.42 -16.38
CA SER B 106 12.17 -14.01 -16.86
C SER B 106 11.98 -13.01 -17.98
N THR B 107 13.07 -12.39 -18.39
CA THR B 107 13.02 -11.51 -19.56
C THR B 107 12.48 -12.25 -20.77
N GLY B 108 12.93 -13.51 -20.96
CA GLY B 108 12.48 -14.26 -22.12
C GLY B 108 11.03 -14.64 -22.04
N THR B 109 10.58 -15.04 -20.86
CA THR B 109 9.17 -15.35 -20.71
C THR B 109 8.31 -14.12 -20.98
N VAL B 110 8.74 -12.96 -20.50
CA VAL B 110 7.97 -11.75 -20.72
C VAL B 110 7.93 -11.40 -22.20
N ILE B 111 9.08 -11.47 -22.87
CA ILE B 111 9.09 -11.18 -24.30
C ILE B 111 8.21 -12.17 -25.03
N LYS B 112 8.20 -13.42 -24.57
CA LYS B 112 7.36 -14.44 -25.21
C LYS B 112 5.88 -14.10 -25.09
N VAL B 113 5.45 -13.66 -23.90
CA VAL B 113 4.02 -13.35 -23.69
C VAL B 113 3.64 -12.14 -24.54
N ILE B 114 4.47 -11.10 -24.52
CA ILE B 114 4.18 -9.92 -25.33
C ILE B 114 4.12 -10.31 -26.80
N THR B 115 5.08 -11.16 -27.22
CA THR B 115 5.07 -11.62 -28.61
C THR B 115 3.77 -12.32 -28.95
N ASN B 116 3.32 -13.21 -28.05
CA ASN B 116 2.09 -13.93 -28.31
C ASN B 116 0.93 -12.98 -28.48
N MET B 117 0.80 -12.00 -27.56
CA MET B 117 -0.30 -11.05 -27.63
C MET B 117 -0.20 -10.20 -28.89
N THR B 118 1.00 -9.70 -29.18
CA THR B 118 1.20 -8.90 -30.40
C THR B 118 0.85 -9.70 -31.66
N MET B 119 1.37 -10.93 -31.76
CA MET B 119 1.08 -11.75 -32.95
CA MET B 119 1.09 -11.74 -32.96
C MET B 119 -0.39 -12.10 -33.04
N THR B 120 -1.03 -12.39 -31.90
CA THR B 120 -2.47 -12.59 -31.89
C THR B 120 -3.17 -11.40 -32.53
N VAL B 121 -2.76 -10.19 -32.16
CA VAL B 121 -3.42 -9.01 -32.71
C VAL B 121 -3.16 -8.90 -34.20
N GLN B 122 -1.93 -9.17 -34.63
CA GLN B 122 -1.58 -8.97 -36.03
C GLN B 122 -2.25 -9.98 -36.93
N ASN B 123 -2.40 -11.22 -36.47
CA ASN B 123 -3.05 -12.24 -37.27
C ASN B 123 -4.53 -11.92 -37.45
N LEU B 124 -5.18 -11.44 -36.40
CA LEU B 124 -6.60 -11.16 -36.51
C LEU B 124 -6.91 -9.84 -37.19
N PHE B 125 -6.00 -8.87 -37.08
CA PHE B 125 -6.21 -7.51 -37.56
C PHE B 125 -5.01 -7.10 -38.40
N PRO B 126 -4.80 -7.76 -39.54
CA PRO B 126 -3.61 -7.44 -40.35
C PRO B 126 -3.62 -6.06 -40.95
N ASN B 127 -4.78 -5.42 -41.10
CA ASN B 127 -4.84 -4.10 -41.72
C ASN B 127 -5.09 -2.97 -40.72
N LEU B 128 -4.97 -3.21 -39.42
CA LEU B 128 -5.28 -2.21 -38.41
C LEU B 128 -3.99 -1.71 -37.78
N GLN B 129 -3.76 -0.40 -37.84
CA GLN B 129 -2.68 0.21 -37.08
C GLN B 129 -2.97 0.18 -35.59
N VAL B 130 -2.05 -0.39 -34.81
CA VAL B 130 -2.21 -0.52 -33.37
C VAL B 130 -1.13 0.31 -32.70
N PHE B 131 -1.52 1.06 -31.66
CA PHE B 131 -0.58 1.87 -30.89
C PHE B 131 -0.44 1.30 -29.49
N PRO B 132 0.62 0.57 -29.21
CA PRO B 132 0.81 0.02 -27.86
C PRO B 132 1.53 0.98 -26.92
N ALA B 133 1.31 0.74 -25.63
CA ALA B 133 2.14 1.29 -24.59
C ALA B 133 2.59 0.17 -23.69
N LEU B 134 3.76 0.31 -23.10
CA LEU B 134 4.21 -0.70 -22.16
C LEU B 134 3.48 -0.57 -20.82
N GLY B 135 3.25 -1.72 -20.18
CA GLY B 135 2.78 -1.78 -18.82
C GLY B 135 3.88 -2.17 -17.84
N ASN B 136 3.54 -2.06 -16.55
CA ASN B 136 4.52 -2.32 -15.51
C ASN B 136 4.85 -3.81 -15.37
N HIS B 137 3.97 -4.71 -15.80
CA HIS B 137 4.37 -6.10 -15.91
C HIS B 137 5.11 -6.44 -17.21
N ASP B 138 5.18 -5.52 -18.17
CA ASP B 138 5.84 -5.77 -19.45
C ASP B 138 7.35 -5.56 -19.33
N TYR B 139 7.94 -6.12 -18.28
CA TYR B 139 9.36 -6.04 -18.01
C TYR B 139 9.68 -7.09 -16.96
N TRP B 140 10.93 -7.54 -16.95
CA TRP B 140 11.40 -8.49 -15.91
C TRP B 140 12.62 -7.94 -15.20
N PRO B 141 12.57 -7.83 -13.88
CA PRO B 141 11.43 -8.05 -12.96
C PRO B 141 10.30 -7.03 -13.17
N GLN B 142 9.07 -7.37 -12.81
CA GLN B 142 7.99 -6.41 -13.00
C GLN B 142 8.35 -5.07 -12.35
N ASP B 143 7.85 -4.00 -12.96
CA ASP B 143 7.89 -2.63 -12.46
C ASP B 143 9.25 -1.98 -12.60
N GLN B 144 10.31 -2.72 -12.94
CA GLN B 144 11.67 -2.15 -12.94
C GLN B 144 12.07 -1.62 -14.30
N LEU B 145 11.19 -0.90 -14.96
CA LEU B 145 11.46 -0.43 -16.31
C LEU B 145 12.60 0.59 -16.30
N PRO B 146 13.64 0.39 -17.11
CA PRO B 146 14.85 1.19 -16.99
C PRO B 146 14.80 2.47 -17.82
N ILE B 147 15.78 3.34 -17.55
CA ILE B 147 15.91 4.64 -18.20
C ILE B 147 16.89 4.61 -19.38
N VAL B 148 17.37 3.43 -19.77
CA VAL B 148 18.23 3.25 -20.93
C VAL B 148 17.72 2.02 -21.69
N THR B 149 18.31 1.77 -22.85
CA THR B 149 17.85 0.69 -23.71
C THR B 149 17.97 -0.65 -22.99
N SER B 150 17.17 -1.61 -23.43
CA SER B 150 17.09 -2.89 -22.75
C SER B 150 16.59 -3.93 -23.75
N LYS B 151 16.71 -5.19 -23.36
CA LYS B 151 16.23 -6.25 -24.25
C LYS B 151 14.76 -6.10 -24.54
N VAL B 152 13.97 -5.76 -23.51
CA VAL B 152 12.52 -5.65 -23.70
C VAL B 152 12.19 -4.47 -24.60
N TYR B 153 12.83 -3.32 -24.39
CA TYR B 153 12.60 -2.20 -25.28
C TYR B 153 12.94 -2.56 -26.72
N SER B 154 14.10 -3.19 -26.92
CA SER B 154 14.49 -3.59 -28.28
CA SER B 154 14.50 -3.60 -28.27
C SER B 154 13.52 -4.61 -28.86
N ALA B 155 13.07 -5.57 -28.03
CA ALA B 155 12.19 -6.61 -28.54
C ALA B 155 10.84 -6.06 -28.97
N VAL B 156 10.26 -5.12 -28.21
CA VAL B 156 8.95 -4.60 -28.61
C VAL B 156 9.11 -3.60 -29.74
N ALA B 157 10.27 -2.96 -29.83
CA ALA B 157 10.52 -2.11 -30.98
C ALA B 157 10.47 -2.92 -32.26
N ASP B 158 11.01 -4.16 -32.23
CA ASP B 158 10.85 -5.09 -33.34
C ASP B 158 9.40 -5.53 -33.50
N LEU B 159 8.77 -5.99 -32.42
CA LEU B 159 7.41 -6.52 -32.53
C LEU B 159 6.44 -5.49 -33.09
N TRP B 160 6.68 -4.21 -32.83
CA TRP B 160 5.70 -3.18 -33.15
C TRP B 160 6.07 -2.34 -34.38
N LYS B 161 7.18 -2.66 -35.05
CA LYS B 161 7.58 -2.02 -36.30
C LYS B 161 6.48 -1.93 -37.36
N PRO B 162 5.62 -2.93 -37.55
CA PRO B 162 4.57 -2.78 -38.58
C PRO B 162 3.67 -1.58 -38.36
N TRP B 163 3.61 -1.03 -37.14
CA TRP B 163 2.67 0.04 -36.81
C TRP B 163 3.34 1.39 -36.65
N LEU B 164 4.65 1.41 -36.52
CA LEU B 164 5.42 2.59 -36.10
C LEU B 164 6.50 2.94 -37.11
N GLY B 165 6.66 4.26 -37.35
CA GLY B 165 7.73 4.77 -38.18
C GLY B 165 9.09 4.72 -37.49
N GLU B 166 10.12 5.11 -38.26
CA GLU B 166 11.50 4.93 -37.81
C GLU B 166 11.81 5.73 -36.57
N GLU B 167 11.24 6.93 -36.47
CA GLU B 167 11.50 7.78 -35.31
C GLU B 167 10.86 7.20 -34.06
N ALA B 168 9.61 6.71 -34.17
CA ALA B 168 8.98 6.05 -33.02
C ALA B 168 9.75 4.82 -32.59
N ILE B 169 10.24 4.04 -33.55
CA ILE B 169 11.03 2.85 -33.21
C ILE B 169 12.25 3.24 -32.41
N SER B 170 12.86 4.39 -32.73
CA SER B 170 14.12 4.75 -32.09
CA SER B 170 14.13 4.74 -32.07
C SER B 170 13.89 5.18 -30.63
N THR B 171 12.88 6.02 -30.36
CA THR B 171 12.59 6.41 -28.97
C THR B 171 12.07 5.23 -28.16
N LEU B 172 11.29 4.35 -28.79
CA LEU B 172 10.80 3.16 -28.09
C LEU B 172 11.96 2.30 -27.59
N LYS B 173 12.98 2.13 -28.42
CA LYS B 173 14.07 1.24 -28.08
C LYS B 173 14.93 1.82 -26.97
N LYS B 174 15.02 3.14 -26.92
CA LYS B 174 15.82 3.83 -25.91
C LYS B 174 15.09 3.96 -24.57
N GLY B 175 13.79 4.28 -24.57
CA GLY B 175 13.12 4.56 -23.30
C GLY B 175 11.69 4.07 -23.10
N GLY B 176 11.09 3.35 -24.04
CA GLY B 176 9.76 2.81 -23.84
C GLY B 176 8.61 3.70 -24.26
N PHE B 177 8.88 4.76 -25.01
CA PHE B 177 7.88 5.75 -25.38
C PHE B 177 8.14 6.20 -26.80
N TYR B 178 7.12 6.80 -27.43
CA TYR B 178 7.17 7.27 -28.81
C TYR B 178 5.94 8.13 -29.04
N SER B 179 5.99 8.93 -30.09
CA SER B 179 4.80 9.46 -30.72
C SER B 179 4.73 8.92 -32.15
N GLN B 180 3.55 9.01 -32.76
CA GLN B 180 3.36 8.46 -34.11
C GLN B 180 2.10 9.06 -34.74
N LYS B 181 2.27 9.58 -35.96
CA LYS B 181 1.11 10.03 -36.73
C LYS B 181 0.24 8.84 -37.11
N VAL B 182 -1.07 9.06 -37.06
CA VAL B 182 -2.05 8.04 -37.37
C VAL B 182 -2.28 8.07 -38.89
N ALA B 183 -1.87 6.97 -39.56
CA ALA B 183 -1.93 6.89 -41.02
C ALA B 183 -3.30 7.25 -41.55
N SER B 184 -4.33 6.65 -40.97
CA SER B 184 -5.68 6.83 -41.45
C SER B 184 -6.31 8.15 -41.04
N ASN B 185 -5.65 8.96 -40.20
CA ASN B 185 -6.27 10.17 -39.63
C ASN B 185 -5.28 11.33 -39.69
N PRO B 186 -5.11 11.92 -40.87
CA PRO B 186 -4.19 13.06 -40.98
C PRO B 186 -4.52 14.16 -39.98
N GLY B 187 -3.48 14.61 -39.27
CA GLY B 187 -3.63 15.64 -38.26
C GLY B 187 -3.76 15.11 -36.85
N LEU B 188 -3.70 13.79 -36.68
CA LEU B 188 -3.78 13.15 -35.38
C LEU B 188 -2.48 12.43 -35.08
N ARG B 189 -1.93 12.67 -33.89
CA ARG B 189 -0.73 12.00 -33.41
C ARG B 189 -1.04 11.28 -32.11
N ILE B 190 -0.52 10.08 -31.98
CA ILE B 190 -0.59 9.34 -30.73
C ILE B 190 0.72 9.55 -29.98
N ILE B 191 0.63 9.89 -28.71
CA ILE B 191 1.79 9.95 -27.84
C ILE B 191 1.61 8.84 -26.84
N SER B 192 2.49 7.86 -26.91
CA SER B 192 2.45 6.69 -26.06
C SER B 192 3.58 6.87 -25.06
N LEU B 193 3.20 7.19 -23.83
CA LEU B 193 4.14 7.42 -22.76
C LEU B 193 4.43 6.14 -22.05
N ASN B 194 5.57 6.15 -21.38
CA ASN B 194 6.01 5.12 -20.46
C ASN B 194 5.87 5.68 -19.04
N THR B 195 4.64 5.64 -18.51
CA THR B 195 4.41 6.16 -17.16
C THR B 195 4.86 5.18 -16.08
N ASN B 196 5.31 3.98 -16.48
CA ASN B 196 5.92 3.07 -15.52
C ASN B 196 7.23 3.61 -14.97
N LEU B 197 7.85 4.57 -15.67
CA LEU B 197 9.01 5.25 -15.15
C LEU B 197 8.68 6.10 -13.93
N TYR B 198 7.40 6.40 -13.72
CA TYR B 198 6.96 7.24 -12.62
C TYR B 198 6.29 6.45 -11.53
N TYR B 199 6.22 5.13 -11.68
CA TYR B 199 5.43 4.27 -10.83
C TYR B 199 6.22 3.94 -9.56
N GLY B 200 5.56 4.05 -8.39
CA GLY B 200 6.20 3.93 -7.10
C GLY B 200 7.19 2.80 -6.91
N PRO B 201 6.83 1.57 -7.30
CA PRO B 201 7.74 0.41 -7.15
C PRO B 201 8.99 0.43 -8.01
N ASN B 202 9.15 1.38 -8.94
CA ASN B 202 10.26 1.34 -9.88
C ASN B 202 11.53 1.89 -9.22
N ILE B 203 12.46 0.99 -8.88
CA ILE B 203 13.69 1.42 -8.24
C ILE B 203 14.64 2.12 -9.20
N MET B 204 14.53 1.84 -10.50
CA MET B 204 15.44 2.42 -11.48
C MET B 204 15.29 3.92 -11.63
N THR B 205 14.16 4.52 -11.20
CA THR B 205 13.95 5.95 -11.40
C THR B 205 13.95 6.74 -10.12
N LEU B 206 14.35 6.13 -9.03
CA LEU B 206 14.41 6.86 -7.77
C LEU B 206 15.28 8.09 -7.89
N ASN B 207 14.75 9.22 -7.46
CA ASN B 207 15.50 10.48 -7.36
C ASN B 207 15.88 11.08 -8.71
N LYS B 208 15.26 10.64 -9.79
CA LYS B 208 15.53 11.19 -11.11
C LYS B 208 14.51 12.29 -11.40
N THR B 209 14.99 13.46 -11.78
CA THR B 209 14.08 14.55 -12.12
C THR B 209 13.37 14.30 -13.45
N ASP B 210 14.05 13.67 -14.42
CA ASP B 210 13.50 13.44 -15.75
C ASP B 210 14.02 12.11 -16.28
N PRO B 211 13.52 11.00 -15.73
CA PRO B 211 13.95 9.67 -16.20
C PRO B 211 13.73 9.44 -17.69
N ALA B 212 14.81 9.03 -18.38
CA ALA B 212 14.84 8.80 -19.83
C ALA B 212 14.51 10.06 -20.61
N ASN B 213 14.58 11.22 -19.97
CA ASN B 213 14.28 12.51 -20.59
C ASN B 213 12.89 12.55 -21.20
N GLN B 214 11.97 11.78 -20.64
CA GLN B 214 10.63 11.71 -21.22
C GLN B 214 9.91 13.05 -21.07
N PHE B 215 10.12 13.77 -19.98
CA PHE B 215 9.43 15.04 -19.84
C PHE B 215 9.91 16.04 -20.87
N GLU B 216 11.20 16.07 -21.11
CA GLU B 216 11.73 17.01 -22.11
C GLU B 216 11.23 16.64 -23.49
N TRP B 217 11.37 15.36 -23.84
CA TRP B 217 10.80 14.84 -25.08
C TRP B 217 9.32 15.15 -25.20
N LEU B 218 8.55 14.96 -24.11
CA LEU B 218 7.11 15.18 -24.21
C LEU B 218 6.82 16.64 -24.49
N GLU B 219 7.55 17.53 -23.85
CA GLU B 219 7.34 18.96 -24.02
C GLU B 219 7.58 19.37 -25.48
N ASN B 220 8.67 18.89 -26.05
CA ASN B 220 9.03 19.23 -27.42
C ASN B 220 8.05 18.65 -28.42
N THR B 221 7.59 17.41 -28.18
CA THR B 221 6.57 16.79 -29.02
C THR B 221 5.29 17.59 -29.01
N LEU B 222 4.79 17.94 -27.82
CA LEU B 222 3.54 18.68 -27.78
C LEU B 222 3.70 20.07 -28.38
N ASN B 223 4.86 20.70 -28.21
CA ASN B 223 5.08 22.01 -28.83
C ASN B 223 5.05 21.90 -30.36
N SER B 224 5.75 20.91 -30.93
CA SER B 224 5.66 20.66 -32.36
CA SER B 224 5.66 20.66 -32.36
C SER B 224 4.22 20.49 -32.80
N SER B 225 3.45 19.63 -32.10
CA SER B 225 2.06 19.41 -32.46
C SER B 225 1.28 20.72 -32.43
N LEU B 226 1.52 21.53 -31.40
CA LEU B 226 0.83 22.81 -31.29
C LEU B 226 1.10 23.66 -32.54
N TRP B 227 2.35 23.71 -32.98
CA TRP B 227 2.76 24.58 -34.08
C TRP B 227 2.44 23.96 -35.44
N ASN B 228 2.43 22.64 -35.53
CA ASN B 228 2.01 21.93 -36.74
C ASN B 228 0.53 21.65 -36.79
N LYS B 229 -0.26 22.31 -35.96
CA LYS B 229 -1.71 22.23 -35.97
C LYS B 229 -2.24 20.78 -35.88
N GLU B 230 -1.50 19.92 -35.20
CA GLU B 230 -2.00 18.58 -34.89
C GLU B 230 -2.82 18.57 -33.60
N LYS B 231 -3.63 17.52 -33.46
CA LYS B 231 -4.26 17.09 -32.23
C LYS B 231 -3.58 15.82 -31.76
N VAL B 232 -3.57 15.61 -30.44
CA VAL B 232 -2.83 14.52 -29.81
C VAL B 232 -3.77 13.69 -28.93
N TYR B 233 -3.63 12.36 -29.00
CA TYR B 233 -4.21 11.44 -28.01
C TYR B 233 -3.04 10.92 -27.20
N ILE B 234 -3.08 11.11 -25.87
CA ILE B 234 -2.05 10.59 -24.99
C ILE B 234 -2.49 9.19 -24.57
N ILE B 235 -1.60 8.21 -24.69
CA ILE B 235 -1.92 6.90 -24.11
C ILE B 235 -0.76 6.49 -23.21
N ALA B 236 -1.11 5.79 -22.12
CA ALA B 236 -0.08 5.21 -21.26
C ALA B 236 -0.76 4.15 -20.42
N HIS B 237 0.04 3.43 -19.68
CA HIS B 237 -0.41 2.38 -18.82
C HIS B 237 -0.91 2.96 -17.49
N VAL B 238 0.00 3.34 -16.60
CA VAL B 238 -0.41 3.89 -15.28
C VAL B 238 -0.99 5.30 -15.49
N PRO B 239 -2.16 5.60 -14.95
CA PRO B 239 -2.76 6.91 -15.14
C PRO B 239 -2.10 7.98 -14.28
N VAL B 240 -2.30 9.25 -14.66
CA VAL B 240 -2.10 10.38 -13.75
C VAL B 240 -3.27 10.42 -12.75
N GLY B 241 -3.20 11.35 -11.80
CA GLY B 241 -4.31 11.53 -10.88
C GLY B 241 -4.22 10.61 -9.68
N TYR B 242 -5.33 10.50 -8.95
CA TYR B 242 -5.38 9.81 -7.68
C TYR B 242 -6.17 8.50 -7.77
N LEU B 243 -5.76 7.54 -6.97
CA LEU B 243 -6.48 6.27 -6.88
C LEU B 243 -7.85 6.51 -6.29
N PRO B 244 -8.94 6.08 -6.95
CA PRO B 244 -10.26 6.44 -6.46
C PRO B 244 -10.74 5.61 -5.29
N TYR B 245 -10.05 4.52 -4.98
CA TYR B 245 -10.45 3.62 -3.91
C TYR B 245 -9.62 3.80 -2.63
N ALA B 246 -8.65 4.71 -2.65
CA ALA B 246 -7.75 4.95 -1.53
C ALA B 246 -7.67 6.45 -1.28
N THR B 247 -7.24 6.84 -0.09
CA THR B 247 -7.22 8.26 0.29
C THR B 247 -5.87 8.85 -0.05
N ASP B 248 -5.88 9.90 -0.87
CA ASP B 248 -4.71 10.75 -1.02
C ASP B 248 -3.51 9.97 -1.54
N THR B 249 -3.73 9.07 -2.50
CA THR B 249 -2.67 8.23 -3.04
C THR B 249 -2.58 8.41 -4.55
N PRO B 250 -1.59 9.15 -5.06
CA PRO B 250 -1.46 9.30 -6.52
C PRO B 250 -1.02 8.00 -7.17
N ALA B 251 -1.49 7.77 -8.40
CA ALA B 251 -1.18 6.51 -9.09
C ALA B 251 0.29 6.41 -9.44
N ILE B 252 0.93 7.53 -9.75
CA ILE B 252 2.37 7.59 -9.91
C ILE B 252 2.92 8.49 -8.79
N ARG B 253 4.23 8.49 -8.61
CA ARG B 253 4.82 9.34 -7.56
C ARG B 253 4.36 10.78 -7.70
N GLN B 254 4.06 11.40 -6.56
CA GLN B 254 3.52 12.74 -6.54
C GLN B 254 4.39 13.73 -7.32
N TYR B 255 5.70 13.67 -7.17
CA TYR B 255 6.55 14.62 -7.88
C TYR B 255 6.32 14.54 -9.39
N TYR B 256 6.22 13.33 -9.92
CA TYR B 256 5.98 13.13 -11.34
C TYR B 256 4.55 13.47 -11.73
N ASN B 257 3.59 13.12 -10.88
CA ASN B 257 2.21 13.45 -11.18
C ASN B 257 2.05 14.95 -11.35
N GLU B 258 2.61 15.72 -10.43
CA GLU B 258 2.44 17.16 -10.51
C GLU B 258 3.11 17.70 -11.77
N LYS B 259 4.26 17.16 -12.11
CA LYS B 259 5.03 17.63 -13.24
C LYS B 259 4.33 17.27 -14.54
N LEU B 260 3.86 16.02 -14.66
CA LEU B 260 3.20 15.62 -15.89
C LEU B 260 1.90 16.38 -16.08
N LEU B 261 1.17 16.65 -15.00
CA LEU B 261 -0.10 17.35 -15.14
C LEU B 261 0.10 18.79 -15.57
N ASP B 262 1.15 19.44 -15.09
CA ASP B 262 1.35 20.82 -15.50
C ASP B 262 1.67 20.91 -17.00
N ILE B 263 2.42 19.95 -17.54
CA ILE B 263 2.57 19.83 -18.98
C ILE B 263 1.21 19.66 -19.67
N PHE B 264 0.36 18.78 -19.13
CA PHE B 264 -0.91 18.52 -19.79
C PHE B 264 -1.79 19.74 -19.74
N ARG B 265 -1.74 20.50 -18.64
CA ARG B 265 -2.55 21.71 -18.54
C ARG B 265 -2.09 22.74 -19.55
N ARG B 266 -0.79 22.90 -19.69
CA ARG B 266 -0.26 23.88 -20.62
C ARG B 266 -0.60 23.52 -22.07
N TYR B 267 -0.75 22.23 -22.37
CA TYR B 267 -1.03 21.80 -23.73
C TYR B 267 -2.43 21.23 -23.87
N SER B 268 -3.34 21.62 -23.00
CA SER B 268 -4.69 21.08 -23.06
C SER B 268 -5.39 21.40 -24.39
N SER B 269 -5.03 22.50 -25.04
CA SER B 269 -5.67 22.84 -26.31
C SER B 269 -5.28 21.87 -27.42
N VAL B 270 -4.14 21.22 -27.29
CA VAL B 270 -3.64 20.26 -28.26
C VAL B 270 -4.15 18.84 -27.99
N ILE B 271 -4.33 18.48 -26.73
CA ILE B 271 -4.60 17.11 -26.32
C ILE B 271 -6.11 16.90 -26.35
N ALA B 272 -6.58 16.04 -27.25
CA ALA B 272 -8.00 15.83 -27.42
C ALA B 272 -8.47 14.60 -26.69
N GLY B 273 -7.57 13.86 -26.06
CA GLY B 273 -7.96 12.72 -25.26
C GLY B 273 -6.77 12.14 -24.51
N GLN B 274 -7.01 11.55 -23.34
CA GLN B 274 -6.03 10.77 -22.60
C GLN B 274 -6.67 9.44 -22.24
N PHE B 275 -5.91 8.37 -22.39
CA PHE B 275 -6.43 7.01 -22.30
C PHE B 275 -5.40 6.20 -21.55
N TYR B 276 -5.83 5.57 -20.44
CA TYR B 276 -4.95 4.82 -19.55
C TYR B 276 -5.57 3.46 -19.20
N GLY B 277 -4.73 2.58 -18.68
CA GLY B 277 -5.19 1.35 -18.10
C GLY B 277 -4.70 1.19 -16.66
N HIS B 278 -4.03 0.08 -16.39
CA HIS B 278 -3.44 -0.29 -15.11
C HIS B 278 -4.39 -0.55 -13.92
N THR B 279 -5.45 0.23 -13.75
CA THR B 279 -6.30 0.04 -12.58
C THR B 279 -7.28 -1.11 -12.71
N HIS B 280 -7.56 -1.57 -13.93
CA HIS B 280 -8.49 -2.64 -14.23
C HIS B 280 -9.92 -2.22 -13.92
N ARG B 281 -10.18 -0.91 -13.90
CA ARG B 281 -11.48 -0.34 -13.61
C ARG B 281 -11.90 0.65 -14.67
N ASP B 282 -13.21 0.87 -14.76
CA ASP B 282 -13.75 1.90 -15.65
C ASP B 282 -13.87 3.19 -14.85
N SER B 283 -12.98 4.15 -15.10
CA SER B 283 -12.96 5.41 -14.38
C SER B 283 -12.83 6.59 -15.33
N LEU B 284 -13.50 7.68 -14.97
CA LEU B 284 -13.36 8.98 -15.59
C LEU B 284 -12.51 9.88 -14.72
N MET B 285 -11.80 10.79 -15.36
CA MET B 285 -11.15 11.91 -14.69
C MET B 285 -11.28 13.13 -15.58
N VAL B 286 -11.41 14.30 -14.96
CA VAL B 286 -11.40 15.60 -15.67
C VAL B 286 -10.27 16.43 -15.07
N LEU B 287 -9.20 16.57 -15.81
CA LEU B 287 -8.16 17.53 -15.50
C LEU B 287 -8.71 18.95 -15.57
N SER B 288 -8.58 19.69 -14.48
CA SER B 288 -9.07 21.06 -14.40
C SER B 288 -7.95 21.98 -13.94
N ASP B 289 -8.17 23.27 -14.07
CA ASP B 289 -7.21 24.21 -13.52
C ASP B 289 -7.45 24.35 -12.02
N LYS B 290 -6.68 25.24 -11.38
CA LYS B 290 -6.76 25.35 -9.92
C LYS B 290 -8.08 25.93 -9.47
N ASN B 291 -8.73 26.69 -10.35
CA ASN B 291 -10.03 27.29 -10.07
C ASN B 291 -11.19 26.38 -10.44
N GLY B 292 -10.93 25.10 -10.75
CA GLY B 292 -12.01 24.18 -11.05
C GLY B 292 -12.56 24.26 -12.48
N ASN B 293 -11.85 24.89 -13.40
CA ASN B 293 -12.33 24.98 -14.78
C ASN B 293 -11.84 23.76 -15.56
N PRO B 294 -12.74 23.01 -16.21
CA PRO B 294 -12.31 21.77 -16.88
C PRO B 294 -11.47 22.03 -18.12
N LEU B 295 -10.42 21.24 -18.26
CA LEU B 295 -9.43 21.37 -19.31
C LEU B 295 -9.26 20.14 -20.20
N ASN B 296 -9.39 18.92 -19.67
CA ASN B 296 -9.05 17.71 -20.43
C ASN B 296 -9.75 16.48 -19.86
N SER B 297 -10.36 15.69 -20.73
CA SER B 297 -11.04 14.44 -20.35
C SER B 297 -10.06 13.28 -20.38
N VAL B 298 -10.17 12.44 -19.36
CA VAL B 298 -9.29 11.30 -19.13
C VAL B 298 -10.15 10.05 -18.95
N PHE B 299 -9.80 8.99 -19.65
CA PHE B 299 -10.60 7.77 -19.71
C PHE B 299 -9.73 6.60 -19.30
N VAL B 300 -10.01 6.01 -18.14
CA VAL B 300 -9.29 4.84 -17.68
C VAL B 300 -10.14 3.63 -18.04
N ALA B 301 -9.56 2.67 -18.76
CA ALA B 301 -10.35 1.56 -19.27
C ALA B 301 -10.14 0.31 -18.44
N PRO B 302 -11.19 -0.47 -18.25
CA PRO B 302 -11.04 -1.72 -17.50
C PRO B 302 -10.33 -2.78 -18.31
N ALA B 303 -9.84 -3.76 -17.57
CA ALA B 303 -9.04 -4.86 -18.07
C ALA B 303 -9.90 -5.93 -18.74
N VAL B 304 -9.24 -6.71 -19.59
CA VAL B 304 -9.79 -8.00 -20.02
C VAL B 304 -9.69 -9.04 -18.90
N THR B 305 -8.53 -9.11 -18.23
CA THR B 305 -8.40 -10.03 -17.11
C THR B 305 -9.40 -9.69 -16.01
N PRO B 306 -9.98 -10.70 -15.33
CA PRO B 306 -10.85 -10.45 -14.17
C PRO B 306 -10.14 -10.61 -12.83
N VAL B 307 -8.82 -10.77 -12.82
CA VAL B 307 -8.13 -11.22 -11.63
C VAL B 307 -8.33 -10.30 -10.43
N LYS B 308 -8.32 -10.91 -9.24
CA LYS B 308 -8.29 -10.18 -7.99
CA LYS B 308 -8.30 -10.19 -7.98
C LYS B 308 -7.52 -11.02 -6.97
N GLY B 309 -7.05 -10.37 -5.93
CA GLY B 309 -6.46 -11.08 -4.82
C GLY B 309 -7.52 -11.60 -3.87
N VAL B 310 -7.13 -12.59 -3.06
CA VAL B 310 -8.08 -13.17 -2.12
C VAL B 310 -8.65 -12.12 -1.19
N LEU B 311 -7.84 -11.11 -0.83
CA LEU B 311 -8.30 -10.08 0.10
C LEU B 311 -9.35 -9.13 -0.52
N GLN B 312 -9.46 -9.05 -1.83
CA GLN B 312 -10.36 -8.08 -2.43
C GLN B 312 -11.77 -8.64 -2.52
N LYS B 313 -12.76 -7.81 -2.25
CA LYS B 313 -14.14 -8.30 -2.35
C LYS B 313 -14.64 -8.29 -3.79
N GLU B 314 -14.50 -7.18 -4.50
CA GLU B 314 -15.08 -7.04 -5.82
C GLU B 314 -14.01 -7.20 -6.89
N THR B 315 -14.43 -7.41 -8.13
CA THR B 315 -13.48 -7.29 -9.24
C THR B 315 -14.25 -6.86 -10.49
N ASN B 316 -13.56 -6.85 -11.62
CA ASN B 316 -14.20 -6.43 -12.86
C ASN B 316 -14.58 -7.64 -13.68
N ASN B 317 -15.66 -7.51 -14.43
CA ASN B 317 -15.85 -8.32 -15.63
C ASN B 317 -14.87 -7.89 -16.71
N PRO B 318 -14.46 -8.80 -17.59
CA PRO B 318 -13.63 -8.40 -18.74
C PRO B 318 -14.31 -7.32 -19.55
N GLY B 319 -13.52 -6.36 -20.04
CA GLY B 319 -14.06 -5.32 -20.89
C GLY B 319 -13.13 -5.01 -22.05
N VAL B 320 -13.75 -4.41 -23.07
CA VAL B 320 -13.05 -3.72 -24.15
C VAL B 320 -13.97 -2.58 -24.56
N ARG B 321 -13.41 -1.52 -25.14
CA ARG B 321 -14.23 -0.34 -25.39
C ARG B 321 -13.86 0.30 -26.71
N LEU B 322 -14.76 1.17 -27.14
CA LEU B 322 -14.67 1.84 -28.43
CA LEU B 322 -14.68 1.84 -28.43
C LEU B 322 -15.00 3.31 -28.26
N PHE B 323 -14.19 4.18 -28.86
CA PHE B 323 -14.45 5.61 -28.89
C PHE B 323 -14.89 6.06 -30.27
N GLN B 324 -15.77 7.06 -30.29
CA GLN B 324 -16.18 7.75 -31.48
C GLN B 324 -15.65 9.19 -31.42
N TYR B 325 -15.24 9.69 -32.58
CA TYR B 325 -14.67 11.03 -32.68
C TYR B 325 -15.05 11.66 -34.01
N LYS B 326 -14.95 12.99 -34.04
CA LYS B 326 -15.25 13.76 -35.21
C LYS B 326 -14.13 13.63 -36.23
N PRO B 327 -14.40 13.15 -37.45
CA PRO B 327 -13.30 12.94 -38.41
C PRO B 327 -12.60 14.25 -38.70
N GLY B 328 -11.30 14.17 -38.88
CA GLY B 328 -10.50 15.34 -39.21
C GLY B 328 -10.44 16.41 -38.13
N ASP B 329 -11.17 16.23 -37.03
CA ASP B 329 -11.22 17.19 -35.93
C ASP B 329 -10.80 16.57 -34.60
N TYR B 330 -11.21 15.34 -34.34
CA TYR B 330 -10.70 14.45 -33.29
C TYR B 330 -11.28 14.76 -31.92
N THR B 331 -12.19 15.72 -31.81
CA THR B 331 -13.02 15.83 -30.62
C THR B 331 -13.70 14.49 -30.36
N LEU B 332 -13.73 14.07 -29.09
CA LEU B 332 -14.35 12.79 -28.75
C LEU B 332 -15.86 12.95 -28.64
N LEU B 333 -16.59 12.09 -29.33
CA LEU B 333 -18.04 12.21 -29.30
C LEU B 333 -18.71 11.23 -28.34
N ASP B 334 -18.14 10.06 -28.13
CA ASP B 334 -18.81 9.02 -27.34
C ASP B 334 -17.82 7.91 -27.06
N MET B 335 -18.21 7.08 -26.13
CA MET B 335 -17.46 5.88 -25.75
CA MET B 335 -17.48 5.89 -25.75
C MET B 335 -18.47 4.75 -25.60
N VAL B 336 -18.13 3.58 -26.14
CA VAL B 336 -18.98 2.39 -26.02
C VAL B 336 -18.20 1.33 -25.28
N GLN B 337 -18.70 0.94 -24.11
CA GLN B 337 -18.04 -0.07 -23.31
C GLN B 337 -18.71 -1.41 -23.56
N TYR B 338 -17.90 -2.43 -23.84
CA TYR B 338 -18.35 -3.80 -24.01
C TYR B 338 -17.77 -4.62 -22.89
N TYR B 339 -18.44 -5.72 -22.58
CA TYR B 339 -17.95 -6.62 -21.54
C TYR B 339 -18.46 -8.02 -21.78
N LEU B 340 -17.80 -8.94 -21.06
CA LEU B 340 -18.19 -10.34 -20.92
C LEU B 340 -18.76 -10.57 -19.53
N ASN B 341 -20.02 -10.96 -19.44
CA ASN B 341 -20.52 -11.45 -18.15
C ASN B 341 -19.81 -12.76 -17.87
N LEU B 342 -18.75 -12.72 -17.07
CA LEU B 342 -17.88 -13.88 -16.93
C LEU B 342 -18.62 -15.08 -16.34
N THR B 343 -19.51 -14.88 -15.35
CA THR B 343 -20.14 -16.06 -14.75
C THR B 343 -21.17 -16.67 -15.70
N GLU B 344 -22.00 -15.84 -16.34
CA GLU B 344 -22.89 -16.30 -17.42
C GLU B 344 -22.13 -17.09 -18.49
N ALA B 345 -20.97 -16.60 -18.90
CA ALA B 345 -20.21 -17.26 -19.95
C ALA B 345 -19.62 -18.58 -19.46
N ASN B 346 -19.16 -18.62 -18.21
CA ASN B 346 -18.61 -19.88 -17.71
C ASN B 346 -19.72 -20.90 -17.43
N LEU B 347 -20.93 -20.45 -17.13
CA LEU B 347 -22.00 -21.37 -16.77
C LEU B 347 -22.33 -22.28 -17.95
N LYS B 348 -22.49 -21.69 -19.14
CA LYS B 348 -22.80 -22.42 -20.36
C LYS B 348 -21.56 -22.76 -21.19
N GLY B 349 -20.41 -22.16 -20.88
CA GLY B 349 -19.19 -22.43 -21.63
C GLY B 349 -19.10 -21.76 -23.00
N GLU B 350 -19.84 -20.69 -23.21
CA GLU B 350 -19.83 -19.93 -24.44
C GLU B 350 -19.87 -18.44 -24.13
N SER B 351 -19.07 -17.64 -24.86
CA SER B 351 -18.96 -16.21 -24.58
C SER B 351 -20.05 -15.41 -25.27
N ASN B 352 -20.57 -14.39 -24.57
CA ASN B 352 -21.47 -13.41 -25.18
C ASN B 352 -20.97 -11.99 -24.86
N TRP B 353 -19.83 -11.61 -25.46
CA TRP B 353 -19.41 -10.22 -25.39
C TRP B 353 -20.54 -9.34 -25.88
N THR B 354 -20.94 -8.37 -25.06
CA THR B 354 -22.11 -7.57 -25.35
C THR B 354 -21.91 -6.12 -24.89
N LEU B 355 -22.80 -5.22 -25.38
CA LEU B 355 -22.81 -3.82 -24.99
C LEU B 355 -23.10 -3.66 -23.49
N GLU B 356 -22.17 -3.03 -22.75
CA GLU B 356 -22.51 -2.64 -21.40
C GLU B 356 -23.22 -1.29 -21.39
N TYR B 357 -22.64 -0.26 -22.01
CA TYR B 357 -23.29 1.04 -22.08
C TYR B 357 -22.66 1.90 -23.15
N VAL B 358 -23.40 2.94 -23.51
CA VAL B 358 -22.93 4.03 -24.36
C VAL B 358 -22.92 5.25 -23.46
N LEU B 359 -21.76 5.89 -23.33
CA LEU B 359 -21.61 6.94 -22.32
C LEU B 359 -22.67 8.02 -22.47
N THR B 360 -22.86 8.56 -23.67
CA THR B 360 -23.81 9.66 -23.80
C THR B 360 -25.23 9.22 -23.42
N GLN B 361 -25.59 7.97 -23.70
CA GLN B 361 -26.92 7.45 -23.40
C GLN B 361 -27.08 7.14 -21.92
N ALA B 362 -26.09 6.47 -21.34
CA ALA B 362 -26.12 6.13 -19.92
C ALA B 362 -26.24 7.38 -19.05
N TYR B 363 -25.50 8.44 -19.41
CA TYR B 363 -25.35 9.60 -18.54
C TYR B 363 -26.06 10.84 -19.06
N SER B 364 -26.70 10.77 -20.23
CA SER B 364 -27.39 11.91 -20.83
C SER B 364 -26.50 13.14 -20.93
N VAL B 365 -25.35 12.98 -21.58
CA VAL B 365 -24.48 14.10 -21.91
C VAL B 365 -24.35 14.16 -23.42
N ALA B 366 -23.94 15.33 -23.92
CA ALA B 366 -23.91 15.58 -25.35
C ALA B 366 -22.70 14.94 -26.03
N ASP B 367 -21.54 14.94 -25.36
CA ASP B 367 -20.28 14.49 -25.93
C ASP B 367 -19.30 14.24 -24.77
N LEU B 368 -18.03 14.04 -25.11
CA LEU B 368 -16.98 13.72 -24.15
C LEU B 368 -16.03 14.89 -23.90
N GLN B 369 -16.45 16.08 -24.27
CA GLN B 369 -15.65 17.24 -24.00
C GLN B 369 -15.59 17.51 -22.49
N PRO B 370 -14.48 18.13 -22.02
CA PRO B 370 -14.32 18.36 -20.58
C PRO B 370 -15.50 19.03 -19.92
N LYS B 371 -16.07 20.07 -20.53
CA LYS B 371 -17.19 20.74 -19.87
C LYS B 371 -18.42 19.85 -19.74
N SER B 372 -18.62 18.91 -20.68
CA SER B 372 -19.74 17.99 -20.60
C SER B 372 -19.56 16.98 -19.48
N LEU B 373 -18.35 16.45 -19.32
CA LEU B 373 -18.12 15.49 -18.24
C LEU B 373 -18.05 16.18 -16.88
N TYR B 374 -17.47 17.37 -16.82
CA TYR B 374 -17.47 18.14 -15.58
C TYR B 374 -18.89 18.33 -15.06
N ALA B 375 -19.81 18.73 -15.93
CA ALA B 375 -21.21 18.87 -15.53
C ALA B 375 -21.78 17.54 -15.03
N LEU B 376 -21.44 16.43 -15.70
CA LEU B 376 -21.89 15.11 -15.23
C LEU B 376 -21.38 14.84 -13.82
N VAL B 377 -20.09 15.05 -13.59
CA VAL B 377 -19.51 14.67 -12.31
C VAL B 377 -20.05 15.55 -11.19
N GLN B 378 -20.45 16.78 -11.49
CA GLN B 378 -21.14 17.59 -10.49
C GLN B 378 -22.47 16.96 -10.09
N GLN B 379 -23.12 16.26 -11.02
CA GLN B 379 -24.32 15.51 -10.63
C GLN B 379 -23.95 14.36 -9.69
N PHE B 380 -22.84 13.66 -9.95
CA PHE B 380 -22.41 12.55 -9.09
C PHE B 380 -22.37 12.99 -7.63
N ALA B 381 -21.97 14.23 -7.39
CA ALA B 381 -21.72 14.71 -6.05
C ALA B 381 -23.00 14.92 -5.26
N THR B 382 -24.14 15.09 -5.94
CA THR B 382 -25.40 15.29 -5.25
C THR B 382 -25.77 14.06 -4.45
N LYS B 383 -26.51 14.29 -3.38
CA LYS B 383 -26.86 13.22 -2.46
C LYS B 383 -27.78 12.23 -3.16
N ASP B 384 -27.43 10.94 -3.06
CA ASP B 384 -28.20 9.84 -3.66
C ASP B 384 -28.28 9.93 -5.20
N SER B 385 -27.32 10.60 -5.83
CA SER B 385 -27.26 10.67 -7.29
C SER B 385 -27.42 9.31 -7.92
N LYS B 386 -28.41 9.18 -8.79
CA LYS B 386 -28.55 7.94 -9.54
C LYS B 386 -27.47 7.82 -10.60
N GLN B 387 -27.00 8.96 -11.12
CA GLN B 387 -25.87 8.96 -12.03
C GLN B 387 -24.65 8.29 -11.40
N PHE B 388 -24.34 8.64 -10.14
CA PHE B 388 -23.17 8.04 -9.52
C PHE B 388 -23.38 6.56 -9.25
N LEU B 389 -24.59 6.17 -8.84
CA LEU B 389 -24.80 4.77 -8.55
C LEU B 389 -24.54 3.92 -9.78
N LYS B 390 -24.98 4.40 -10.95
CA LYS B 390 -24.66 3.75 -12.20
C LYS B 390 -23.16 3.73 -12.46
N TYR B 391 -22.51 4.90 -12.29
CA TYR B 391 -21.05 4.95 -12.43
C TYR B 391 -20.35 3.92 -11.57
N TYR B 392 -20.77 3.76 -10.30
CA TYR B 392 -20.08 2.82 -9.41
C TYR B 392 -20.31 1.37 -9.84
N HIS B 393 -21.51 1.08 -10.35
CA HIS B 393 -21.79 -0.24 -10.94
C HIS B 393 -20.89 -0.51 -12.13
N TYR B 394 -20.81 0.45 -13.08
CA TYR B 394 -19.92 0.33 -14.22
C TYR B 394 -18.43 0.37 -13.84
N TYR B 395 -18.08 0.91 -12.67
CA TYR B 395 -16.68 0.97 -12.26
C TYR B 395 -16.05 -0.40 -12.24
N PHE B 396 -16.82 -1.40 -11.80
CA PHE B 396 -16.43 -2.80 -11.80
C PHE B 396 -16.94 -3.53 -13.05
N VAL B 397 -17.37 -2.80 -14.08
CA VAL B 397 -17.91 -3.39 -15.29
C VAL B 397 -19.07 -4.34 -14.92
N SER B 398 -20.02 -3.84 -14.13
CA SER B 398 -21.27 -4.52 -13.83
C SER B 398 -21.05 -5.86 -13.14
N TYR B 399 -19.93 -6.02 -12.44
CA TYR B 399 -19.65 -7.27 -11.76
C TYR B 399 -20.64 -7.57 -10.62
N ASP B 400 -21.17 -6.54 -9.94
CA ASP B 400 -22.00 -6.79 -8.77
C ASP B 400 -22.90 -5.58 -8.53
N SER B 401 -24.15 -5.67 -9.00
CA SER B 401 -25.12 -4.60 -8.81
C SER B 401 -25.45 -4.37 -7.34
N SER B 402 -25.07 -5.28 -6.45
CA SER B 402 -25.34 -5.10 -5.04
C SER B 402 -24.16 -4.49 -4.29
N ALA B 403 -23.01 -4.33 -4.95
CA ALA B 403 -21.92 -3.60 -4.32
C ALA B 403 -22.36 -2.16 -4.09
N THR B 404 -22.02 -1.62 -2.92
CA THR B 404 -22.44 -0.28 -2.51
C THR B 404 -21.22 0.53 -2.12
N CYS B 405 -21.35 1.83 -2.26
CA CYS B 405 -20.27 2.78 -1.95
C CYS B 405 -20.83 3.75 -0.91
N ASP B 406 -20.44 3.55 0.36
CA ASP B 406 -20.88 4.43 1.42
C ASP B 406 -20.29 5.83 1.25
N GLN B 407 -20.57 6.69 2.23
CA GLN B 407 -20.26 8.11 2.10
C GLN B 407 -18.77 8.33 1.92
N HIS B 408 -17.96 7.63 2.69
CA HIS B 408 -16.52 7.79 2.59
C HIS B 408 -15.99 7.25 1.26
N CYS B 409 -16.46 6.08 0.83
CA CYS B 409 -16.07 5.53 -0.47
CA CYS B 409 -16.08 5.53 -0.47
C CYS B 409 -16.46 6.49 -1.60
N LYS B 410 -17.65 7.06 -1.55
CA LYS B 410 -18.08 7.97 -2.61
C LYS B 410 -17.27 9.26 -2.61
N THR B 411 -16.92 9.80 -1.43
CA THR B 411 -16.06 10.99 -1.39
C THR B 411 -14.75 10.71 -2.08
N LEU B 412 -14.15 9.55 -1.79
CA LEU B 412 -12.88 9.23 -2.43
C LEU B 412 -13.05 9.14 -3.94
N GLN B 413 -14.14 8.55 -4.41
CA GLN B 413 -14.37 8.41 -5.83
C GLN B 413 -14.50 9.77 -6.50
N VAL B 414 -15.40 10.60 -6.00
CA VAL B 414 -15.70 11.87 -6.66
C VAL B 414 -14.51 12.79 -6.58
N CYS B 415 -13.79 12.76 -5.47
CA CYS B 415 -12.60 13.60 -5.36
CA CYS B 415 -12.59 13.58 -5.34
C CYS B 415 -11.53 13.20 -6.37
N ALA B 416 -11.33 11.89 -6.59
CA ALA B 416 -10.37 11.44 -7.57
C ALA B 416 -10.80 11.78 -9.00
N ILE B 417 -12.10 11.78 -9.29
CA ILE B 417 -12.59 12.07 -10.63
C ILE B 417 -12.28 13.51 -11.01
N MET B 418 -12.46 14.43 -10.08
CA MET B 418 -12.43 15.85 -10.38
CA MET B 418 -12.42 15.85 -10.39
C MET B 418 -11.09 16.51 -10.07
N ASN B 419 -10.21 15.90 -9.28
CA ASN B 419 -9.06 16.62 -8.73
C ASN B 419 -7.81 15.80 -8.94
N LEU B 420 -7.05 16.10 -10.00
CA LEU B 420 -5.94 15.22 -10.34
C LEU B 420 -4.64 15.64 -9.66
N ASP B 421 -4.52 16.89 -9.21
CA ASP B 421 -3.33 17.41 -8.55
C ASP B 421 -3.54 17.47 -7.03
N SER B 422 -2.43 17.52 -6.27
CA SER B 422 -2.52 17.35 -4.81
CA SER B 422 -2.50 17.36 -4.82
C SER B 422 -3.24 18.50 -4.14
N MET B 423 -3.00 19.73 -4.56
CA MET B 423 -3.65 20.86 -3.92
CA MET B 423 -3.65 20.87 -3.92
C MET B 423 -5.17 20.78 -4.07
N SER B 424 -5.65 20.54 -5.29
CA SER B 424 -7.09 20.44 -5.48
CA SER B 424 -7.09 20.44 -5.50
C SER B 424 -7.66 19.19 -4.83
N TYR B 425 -6.94 18.07 -4.87
CA TYR B 425 -7.47 16.86 -4.23
C TYR B 425 -7.60 17.05 -2.71
N ASP B 426 -6.57 17.59 -2.07
CA ASP B 426 -6.60 17.80 -0.62
C ASP B 426 -7.70 18.78 -0.22
N ASP B 427 -7.91 19.85 -0.99
CA ASP B 427 -9.01 20.76 -0.71
C ASP B 427 -10.36 20.06 -0.85
N CYS B 428 -10.51 19.17 -1.81
CA CYS B 428 -11.75 18.42 -1.91
C CYS B 428 -11.97 17.54 -0.69
N LEU B 429 -10.90 16.89 -0.19
CA LEU B 429 -11.05 16.14 1.06
C LEU B 429 -11.47 17.06 2.19
N LYS B 430 -10.85 18.25 2.29
CA LYS B 430 -11.19 19.15 3.38
C LYS B 430 -12.66 19.48 3.35
N GLN B 431 -13.18 19.77 2.16
CA GLN B 431 -14.58 20.17 2.03
C GLN B 431 -15.53 19.02 2.27
N HIS B 432 -15.18 17.79 1.94
CA HIS B 432 -16.19 16.74 1.84
C HIS B 432 -16.03 15.56 2.77
N LEU B 433 -14.87 15.34 3.37
CA LEU B 433 -14.72 14.26 4.35
C LEU B 433 -15.70 14.43 5.50
#